data_7U5F
#
_entry.id   7U5F
#
_cell.length_a   46.500
_cell.length_b   122.900
_cell.length_c   149.010
_cell.angle_alpha   90.000
_cell.angle_beta   90.000
_cell.angle_gamma   90.000
#
_symmetry.space_group_name_H-M   'P 21 21 21'
#
loop_
_entity.id
_entity.type
_entity.pdbx_description
1 polymer 'Guanylate kinase'
2 non-polymer "GUANOSINE-5'-MONOPHOSPHATE"
3 non-polymer 'MAGNESIUM ION'
4 water water
#
_entity_poly.entity_id   1
_entity_poly.type   'polypeptide(L)'
_entity_poly.pdbx_seq_one_letter_code
;MSGTLYIVSAPSGAGKTSLVKALLDAAPEVRVSVSHTTRGMRPGEVDGVNYHFTSREEFLAMLERNEFLEHAEVFGNLYG
TSQRWVEKTLAEGLDLILEIDWQGAQQVRRLMPEAQSIFILPPSQEALRQRLTNRGQDSDEVIERRMREAVSEMSHYVEY
DHLVINDDFAHALDDLKAIFRARQLRQDAQQQRHAELLGRLLAGHHHHHH
;
_entity_poly.pdbx_strand_id   A,B,C,D
#
loop_
_chem_comp.id
_chem_comp.type
_chem_comp.name
_chem_comp.formula
5GP non-polymer GUANOSINE-5'-MONOPHOSPHATE 'C10 H14 N5 O8 P'
MG non-polymer 'MAGNESIUM ION' 'Mg 2'
#
# COMPACT_ATOMS: atom_id res chain seq x y z
N SER A 2 16.85 21.31 -21.31
CA SER A 2 17.16 19.91 -21.60
C SER A 2 15.91 19.04 -21.54
N GLY A 3 15.94 17.88 -22.19
CA GLY A 3 14.80 17.01 -22.24
C GLY A 3 14.65 16.16 -20.99
N THR A 4 13.52 15.45 -20.93
CA THR A 4 13.22 14.50 -19.88
C THR A 4 13.49 13.08 -20.36
N LEU A 5 14.09 12.26 -19.50
CA LEU A 5 14.32 10.87 -19.84
C LEU A 5 13.24 10.02 -19.18
N TYR A 6 12.55 9.21 -19.98
CA TYR A 6 11.54 8.29 -19.49
C TYR A 6 12.05 6.86 -19.63
N ILE A 7 11.92 6.09 -18.56
CA ILE A 7 12.17 4.65 -18.60
C ILE A 7 10.81 3.95 -18.70
N VAL A 8 10.62 3.12 -19.71
CA VAL A 8 9.37 2.37 -19.84
C VAL A 8 9.73 0.89 -19.80
N SER A 9 9.22 0.18 -18.79
CA SER A 9 9.53 -1.22 -18.57
C SER A 9 8.25 -2.04 -18.51
N ALA A 10 8.45 -3.34 -18.67
CA ALA A 10 7.39 -4.34 -18.58
C ALA A 10 8.05 -5.60 -18.09
N PRO A 11 7.26 -6.62 -17.73
CA PRO A 11 7.89 -7.90 -17.38
C PRO A 11 8.81 -8.34 -18.52
N SER A 12 9.92 -8.94 -18.15
CA SER A 12 11.00 -9.21 -19.10
C SER A 12 10.54 -10.22 -20.14
N GLY A 13 10.53 -9.80 -21.41
CA GLY A 13 10.09 -10.62 -22.50
C GLY A 13 8.91 -10.05 -23.26
N ALA A 14 8.22 -9.09 -22.65
CA ALA A 14 7.15 -8.37 -23.31
C ALA A 14 7.86 -7.18 -23.96
N GLY A 15 8.49 -7.50 -25.10
CA GLY A 15 9.43 -6.65 -25.81
C GLY A 15 9.07 -5.22 -26.09
N LYS A 16 9.70 -4.64 -27.10
CA LYS A 16 9.39 -3.27 -27.47
C LYS A 16 7.90 -3.18 -27.83
N THR A 17 7.16 -2.42 -27.03
CA THR A 17 5.70 -2.51 -27.02
C THR A 17 5.06 -1.72 -28.15
N SER A 18 3.90 -2.21 -28.60
CA SER A 18 3.08 -1.43 -29.52
C SER A 18 2.62 -0.13 -28.89
N LEU A 19 2.42 -0.12 -27.57
CA LEU A 19 1.97 1.10 -26.88
C LEU A 19 2.96 2.24 -27.05
N VAL A 20 4.26 1.94 -26.88
CA VAL A 20 5.27 2.98 -27.00
C VAL A 20 5.32 3.51 -28.44
N LYS A 21 5.24 2.62 -29.44
CA LYS A 21 5.21 3.07 -30.83
C LYS A 21 4.03 4.01 -31.08
N ALA A 22 2.84 3.65 -30.58
CA ALA A 22 1.68 4.50 -30.79
C ALA A 22 1.84 5.83 -30.08
N LEU A 23 2.44 5.82 -28.89
CA LEU A 23 2.68 7.07 -28.17
C LEU A 23 3.61 7.98 -28.97
N LEU A 24 4.68 7.40 -29.52
CA LEU A 24 5.59 8.19 -30.35
C LEU A 24 4.89 8.76 -31.57
N ASP A 25 3.93 8.04 -32.14
CA ASP A 25 3.20 8.57 -33.30
C ASP A 25 2.48 9.87 -32.95
N ALA A 26 2.00 9.97 -31.72
CA ALA A 26 1.29 11.13 -31.22
C ALA A 26 2.18 12.08 -30.44
N ALA A 27 3.50 11.88 -30.45
CA ALA A 27 4.42 12.74 -29.71
C ALA A 27 5.67 13.00 -30.54
N PRO A 28 5.61 13.94 -31.50
CA PRO A 28 6.72 14.11 -32.44
C PRO A 28 7.97 14.72 -31.83
N GLU A 29 7.88 15.36 -30.66
CA GLU A 29 9.05 15.85 -29.97
C GLU A 29 9.75 14.79 -29.12
N VAL A 30 9.16 13.61 -28.97
CA VAL A 30 9.74 12.51 -28.19
C VAL A 30 10.50 11.56 -29.12
N ARG A 31 11.69 11.13 -28.70
CA ARG A 31 12.49 10.13 -29.41
C ARG A 31 12.55 8.83 -28.61
N VAL A 32 12.94 7.75 -29.29
CA VAL A 32 13.11 6.47 -28.61
C VAL A 32 14.53 5.97 -28.89
N SER A 33 15.17 5.45 -27.86
CA SER A 33 16.53 4.93 -28.01
C SER A 33 16.51 3.61 -28.74
N VAL A 34 17.40 3.45 -29.71
CA VAL A 34 17.59 2.17 -30.38
C VAL A 34 18.65 1.38 -29.60
N SER A 35 18.23 0.28 -29.00
CA SER A 35 19.09 -0.55 -28.17
C SER A 35 20.03 -1.39 -29.01
N HIS A 36 21.16 -1.79 -28.41
CA HIS A 36 22.01 -2.84 -28.94
C HIS A 36 21.57 -4.18 -28.36
N THR A 37 21.65 -5.23 -29.17
CA THR A 37 21.40 -6.58 -28.67
C THR A 37 22.33 -7.57 -29.36
N THR A 38 22.60 -8.69 -28.67
CA THR A 38 23.37 -9.78 -29.25
C THR A 38 22.49 -10.94 -29.71
N ARG A 39 21.18 -10.88 -29.47
CA ARG A 39 20.33 -11.93 -30.01
C ARG A 39 20.22 -11.78 -31.53
N GLY A 40 19.92 -12.89 -32.20
CA GLY A 40 19.79 -12.85 -33.65
C GLY A 40 18.55 -12.10 -34.09
N MET A 41 18.60 -11.57 -35.32
CA MET A 41 17.45 -10.86 -35.87
C MET A 41 16.28 -11.81 -36.09
N ARG A 42 15.08 -11.31 -35.91
CA ARG A 42 13.87 -12.07 -36.16
C ARG A 42 13.23 -11.60 -37.46
N PRO A 43 12.35 -12.40 -38.07
CA PRO A 43 11.74 -11.98 -39.34
C PRO A 43 11.04 -10.64 -39.19
N GLY A 44 11.25 -9.77 -40.19
CA GLY A 44 10.66 -8.46 -40.20
C GLY A 44 11.39 -7.40 -39.41
N GLU A 45 12.54 -7.72 -38.82
CA GLU A 45 13.31 -6.76 -38.07
C GLU A 45 14.37 -6.15 -38.98
N VAL A 46 14.73 -4.89 -38.73
CA VAL A 46 15.67 -4.18 -39.58
C VAL A 46 16.77 -3.61 -38.69
N ASP A 47 18.02 -3.92 -39.02
CA ASP A 47 19.16 -3.42 -38.27
C ASP A 47 19.17 -1.89 -38.30
N GLY A 48 19.33 -1.28 -37.12
CA GLY A 48 19.29 0.17 -37.01
C GLY A 48 17.93 0.74 -36.67
N VAL A 49 16.88 -0.06 -36.74
CA VAL A 49 15.52 0.38 -36.40
C VAL A 49 15.02 -0.33 -35.14
N ASN A 50 14.86 -1.66 -35.21
CA ASN A 50 14.44 -2.42 -34.04
C ASN A 50 15.55 -2.47 -32.99
N TYR A 51 16.77 -2.73 -33.44
CA TYR A 51 17.96 -2.84 -32.62
C TYR A 51 19.16 -2.51 -33.47
N HIS A 52 20.27 -2.21 -32.80
CA HIS A 52 21.59 -2.38 -33.43
C HIS A 52 22.01 -3.81 -33.10
N PHE A 53 21.90 -4.70 -34.08
CA PHE A 53 22.25 -6.10 -33.86
C PHE A 53 23.76 -6.26 -33.94
N THR A 54 24.35 -6.85 -32.89
CA THR A 54 25.80 -6.99 -32.83
C THR A 54 26.16 -8.35 -32.26
N SER A 55 27.45 -8.64 -32.24
CA SER A 55 27.97 -9.88 -31.68
C SER A 55 28.28 -9.68 -30.21
N ARG A 56 28.35 -10.80 -29.48
CA ARG A 56 28.70 -10.73 -28.06
C ARG A 56 30.10 -10.16 -27.87
N GLU A 57 31.07 -10.57 -28.69
CA GLU A 57 32.42 -10.03 -28.51
C GLU A 57 32.43 -8.51 -28.77
N GLU A 58 31.70 -8.05 -29.78
CA GLU A 58 31.65 -6.61 -30.02
C GLU A 58 30.87 -5.89 -28.92
N PHE A 59 29.82 -6.51 -28.40
CA PHE A 59 29.10 -5.94 -27.27
C PHE A 59 30.04 -5.79 -26.07
N LEU A 60 30.84 -6.83 -25.79
CA LEU A 60 31.77 -6.75 -24.67
C LEU A 60 32.85 -5.71 -24.93
N ALA A 61 33.30 -5.57 -26.18
CA ALA A 61 34.27 -4.53 -26.50
C ALA A 61 33.67 -3.13 -26.26
N MET A 62 32.41 -2.93 -26.64
CA MET A 62 31.74 -1.66 -26.35
C MET A 62 31.62 -1.43 -24.85
N LEU A 63 31.24 -2.47 -24.11
CA LEU A 63 31.20 -2.40 -22.66
C LEU A 63 32.55 -2.02 -22.09
N GLU A 64 33.64 -2.60 -22.62
CA GLU A 64 34.97 -2.28 -22.13
C GLU A 64 35.34 -0.82 -22.38
N ARG A 65 34.83 -0.24 -23.45
CA ARG A 65 35.06 1.16 -23.76
C ARG A 65 34.10 2.10 -23.04
N ASN A 66 33.29 1.57 -22.11
CA ASN A 66 32.36 2.34 -21.29
C ASN A 66 31.34 3.11 -22.13
N GLU A 67 30.90 2.49 -23.24
CA GLU A 67 29.98 3.17 -24.15
C GLU A 67 28.52 2.99 -23.80
N PHE A 68 28.20 2.13 -22.84
CA PHE A 68 26.82 1.83 -22.49
C PHE A 68 26.42 2.61 -21.25
N LEU A 69 25.29 3.32 -21.36
CA LEU A 69 24.64 3.89 -20.18
C LEU A 69 24.17 2.80 -19.23
N GLU A 70 23.65 1.71 -19.78
CA GLU A 70 23.17 0.57 -19.02
C GLU A 70 23.25 -0.62 -19.94
N HIS A 71 23.37 -1.81 -19.35
CA HIS A 71 23.34 -3.05 -20.10
C HIS A 71 22.82 -4.14 -19.17
N ALA A 72 22.32 -5.21 -19.77
CA ALA A 72 21.77 -6.30 -18.97
C ALA A 72 21.69 -7.56 -19.81
N GLU A 73 21.72 -8.71 -19.13
CA GLU A 73 21.46 -9.99 -19.76
C GLU A 73 20.00 -10.35 -19.57
N VAL A 74 19.33 -10.69 -20.67
CA VAL A 74 17.91 -11.04 -20.68
C VAL A 74 17.76 -12.31 -21.48
N PHE A 75 17.36 -13.41 -20.82
CA PHE A 75 17.26 -14.74 -21.43
C PHE A 75 18.58 -15.16 -22.09
N GLY A 76 19.69 -14.79 -21.46
CA GLY A 76 20.99 -15.18 -21.96
C GLY A 76 21.57 -14.28 -23.02
N ASN A 77 20.79 -13.36 -23.58
CA ASN A 77 21.30 -12.41 -24.56
C ASN A 77 21.57 -11.06 -23.90
N LEU A 78 22.51 -10.31 -24.47
CA LEU A 78 22.92 -9.03 -23.92
C LEU A 78 22.18 -7.91 -24.63
N TYR A 79 21.75 -6.91 -23.86
CA TYR A 79 21.06 -5.73 -24.34
C TYR A 79 21.66 -4.51 -23.66
N GLY A 80 21.73 -3.39 -24.38
CA GLY A 80 22.24 -2.19 -23.75
C GLY A 80 21.84 -0.92 -24.47
N THR A 81 21.92 0.18 -23.74
CA THR A 81 21.61 1.52 -24.25
C THR A 81 22.92 2.29 -24.42
N SER A 82 23.23 2.70 -25.65
CA SER A 82 24.47 3.45 -25.85
C SER A 82 24.32 4.86 -25.29
N GLN A 83 25.36 5.31 -24.59
CA GLN A 83 25.22 6.54 -23.80
C GLN A 83 25.31 7.80 -24.65
N ARG A 84 26.17 7.82 -25.68
CA ARG A 84 26.36 9.04 -26.44
C ARG A 84 25.05 9.55 -27.05
N TRP A 85 24.25 8.65 -27.61
CA TRP A 85 23.01 9.06 -28.24
C TRP A 85 22.06 9.64 -27.20
N VAL A 86 22.02 9.06 -26.01
CA VAL A 86 21.14 9.56 -24.95
C VAL A 86 21.55 10.99 -24.57
N GLU A 87 22.84 11.19 -24.34
CA GLU A 87 23.32 12.52 -23.92
C GLU A 87 23.08 13.57 -25.00
N LYS A 88 23.35 13.21 -26.27
CA LYS A 88 23.13 14.13 -27.37
C LYS A 88 21.66 14.50 -27.51
N THR A 89 20.78 13.50 -27.42
CA THR A 89 19.36 13.73 -27.62
C THR A 89 18.79 14.63 -26.53
N LEU A 90 19.12 14.35 -25.27
CA LEU A 90 18.66 15.20 -24.17
C LEU A 90 19.20 16.61 -24.31
N ALA A 91 20.48 16.76 -24.67
CA ALA A 91 21.07 18.08 -24.78
C ALA A 91 20.47 18.88 -25.93
N GLU A 92 19.91 18.22 -26.93
CA GLU A 92 19.18 18.94 -27.98
C GLU A 92 17.80 19.38 -27.50
N GLY A 93 17.44 19.08 -26.26
CA GLY A 93 16.15 19.45 -25.72
C GLY A 93 15.02 18.52 -26.05
N LEU A 94 15.30 17.33 -26.57
CA LEU A 94 14.25 16.37 -26.89
C LEU A 94 14.04 15.42 -25.72
N ASP A 95 12.79 15.04 -25.51
CA ASP A 95 12.47 13.98 -24.57
C ASP A 95 12.78 12.64 -25.22
N LEU A 96 13.07 11.65 -24.40
CA LEU A 96 13.37 10.35 -25.00
C LEU A 96 12.91 9.23 -24.09
N ILE A 97 12.64 8.08 -24.70
CA ILE A 97 12.18 6.89 -24.01
C ILE A 97 13.25 5.81 -24.11
N LEU A 98 13.58 5.19 -22.98
CA LEU A 98 14.34 3.94 -22.93
C LEU A 98 13.36 2.81 -22.63
N GLU A 99 13.16 1.92 -23.60
CA GLU A 99 12.30 0.75 -23.38
C GLU A 99 13.20 -0.43 -23.00
N ILE A 100 13.36 -0.64 -21.69
CA ILE A 100 14.38 -1.53 -21.13
C ILE A 100 13.80 -2.30 -19.94
N ASP A 101 14.52 -3.34 -19.50
CA ASP A 101 14.01 -4.18 -18.42
C ASP A 101 14.28 -3.54 -17.06
N TRP A 102 13.88 -4.24 -16.01
CA TRP A 102 14.03 -3.70 -14.66
C TRP A 102 15.49 -3.54 -14.28
N GLN A 103 16.37 -4.38 -14.81
CA GLN A 103 17.80 -4.27 -14.48
C GLN A 103 18.39 -2.99 -15.05
N GLY A 104 18.11 -2.69 -16.32
CA GLY A 104 18.60 -1.45 -16.90
C GLY A 104 18.00 -0.23 -16.24
N ALA A 105 16.72 -0.32 -15.86
CA ALA A 105 16.08 0.79 -15.16
C ALA A 105 16.83 1.16 -13.89
N GLN A 106 17.26 0.16 -13.11
CA GLN A 106 18.02 0.44 -11.89
C GLN A 106 19.32 1.17 -12.21
N GLN A 107 20.03 0.73 -13.25
CA GLN A 107 21.27 1.39 -13.60
C GLN A 107 21.03 2.84 -14.03
N VAL A 108 19.98 3.07 -14.81
CA VAL A 108 19.71 4.44 -15.27
C VAL A 108 19.30 5.33 -14.10
N ARG A 109 18.47 4.81 -13.20
CA ARG A 109 18.06 5.62 -12.04
C ARG A 109 19.26 6.01 -11.21
N ARG A 110 20.22 5.09 -11.05
CA ARG A 110 21.43 5.37 -10.28
C ARG A 110 22.22 6.52 -10.90
N LEU A 111 22.36 6.51 -12.23
CA LEU A 111 23.20 7.52 -12.90
C LEU A 111 22.44 8.80 -13.17
N MET A 112 21.12 8.72 -13.35
CA MET A 112 20.31 9.88 -13.73
C MET A 112 19.08 9.84 -12.85
N PRO A 113 19.17 10.35 -11.62
CA PRO A 113 18.02 10.29 -10.71
C PRO A 113 16.84 11.13 -11.13
N GLU A 114 17.03 12.05 -12.08
CA GLU A 114 15.93 12.85 -12.62
C GLU A 114 15.12 12.10 -13.68
N ALA A 115 15.53 10.88 -14.02
CA ALA A 115 14.77 10.08 -14.96
C ALA A 115 13.44 9.69 -14.33
N GLN A 116 12.41 9.61 -15.16
CA GLN A 116 11.08 9.18 -14.74
CA GLN A 116 11.09 9.18 -14.72
C GLN A 116 10.81 7.77 -15.26
N SER A 117 10.01 7.00 -14.53
CA SER A 117 9.86 5.62 -14.96
C SER A 117 8.40 5.17 -14.89
N ILE A 118 8.05 4.28 -15.82
CA ILE A 118 6.69 3.75 -15.96
C ILE A 118 6.80 2.25 -16.14
N PHE A 119 5.98 1.50 -15.40
CA PHE A 119 5.89 0.05 -15.58
C PHE A 119 4.54 -0.32 -16.19
N ILE A 120 4.58 -1.09 -17.28
CA ILE A 120 3.39 -1.51 -17.99
C ILE A 120 3.07 -2.95 -17.57
N LEU A 121 1.93 -3.14 -16.99
CA LEU A 121 1.57 -4.40 -16.41
C LEU A 121 0.53 -5.11 -17.27
N PRO A 122 0.61 -6.43 -17.37
CA PRO A 122 -0.46 -7.19 -18.02
C PRO A 122 -1.68 -7.26 -17.11
N PRO A 123 -2.86 -7.50 -17.67
CA PRO A 123 -4.05 -7.63 -16.81
C PRO A 123 -4.15 -8.98 -16.13
N SER A 124 -3.29 -9.94 -16.50
CA SER A 124 -3.34 -11.30 -15.97
C SER A 124 -2.11 -12.04 -16.46
N GLN A 125 -1.81 -13.15 -15.80
CA GLN A 125 -0.74 -14.01 -16.25
C GLN A 125 -1.07 -14.64 -17.61
N GLU A 126 -2.33 -14.98 -17.84
CA GLU A 126 -2.73 -15.52 -19.14
C GLU A 126 -2.38 -14.56 -20.27
N ALA A 127 -2.70 -13.27 -20.09
CA ALA A 127 -2.39 -12.27 -21.10
C ALA A 127 -0.90 -12.15 -21.34
N LEU A 128 -0.10 -12.24 -20.27
CA LEU A 128 1.36 -12.15 -20.40
C LEU A 128 1.93 -13.29 -21.23
N ARG A 129 1.37 -14.48 -21.06
CA ARG A 129 1.85 -15.67 -21.76
C ARG A 129 1.78 -15.52 -23.28
N GLN A 130 0.66 -15.01 -23.78
CA GLN A 130 0.54 -14.80 -25.23
C GLN A 130 1.62 -13.87 -25.76
N ARG A 131 1.82 -12.74 -25.08
CA ARG A 131 2.80 -11.76 -25.54
C ARG A 131 4.21 -12.34 -25.57
N LEU A 132 4.54 -13.17 -24.59
CA LEU A 132 5.85 -13.81 -24.55
C LEU A 132 5.98 -14.85 -25.67
N SER A 139 8.82 -21.90 -29.62
CA SER A 139 8.77 -23.13 -28.85
C SER A 139 7.91 -22.99 -27.61
N ASP A 140 7.03 -23.96 -27.38
CA ASP A 140 6.20 -23.95 -26.17
C ASP A 140 7.08 -23.88 -24.94
N GLU A 141 8.14 -24.68 -24.91
CA GLU A 141 9.11 -24.65 -23.81
C GLU A 141 9.67 -23.24 -23.63
N VAL A 142 10.04 -22.58 -24.73
CA VAL A 142 10.58 -21.22 -24.63
C VAL A 142 9.57 -20.29 -23.97
N ILE A 143 8.29 -20.48 -24.25
CA ILE A 143 7.27 -19.62 -23.65
C ILE A 143 7.29 -19.77 -22.13
N GLU A 144 7.44 -21.02 -21.64
CA GLU A 144 7.40 -21.27 -20.20
C GLU A 144 8.60 -20.68 -19.48
N ARG A 145 9.77 -20.77 -20.11
CA ARG A 145 10.97 -20.16 -19.53
C ARG A 145 10.83 -18.65 -19.45
N ARG A 146 10.25 -18.03 -20.48
CA ARG A 146 9.99 -16.60 -20.43
C ARG A 146 8.94 -16.28 -19.37
N MET A 147 7.91 -17.12 -19.24
CA MET A 147 6.87 -16.84 -18.24
C MET A 147 7.41 -16.95 -16.83
N ARG A 148 8.19 -17.99 -16.55
CA ARG A 148 8.75 -18.16 -15.22
C ARG A 148 9.65 -17.00 -14.85
N GLU A 149 10.48 -16.54 -15.80
CA GLU A 149 11.36 -15.41 -15.52
C GLU A 149 10.56 -14.12 -15.31
N ALA A 150 9.55 -13.89 -16.14
CA ALA A 150 8.76 -12.67 -16.03
C ALA A 150 7.97 -12.62 -14.73
N VAL A 151 7.37 -13.73 -14.33
CA VAL A 151 6.64 -13.76 -13.08
C VAL A 151 7.61 -13.64 -11.90
N SER A 152 8.77 -14.29 -12.00
CA SER A 152 9.74 -14.30 -10.91
C SER A 152 10.22 -12.90 -10.53
N GLU A 153 10.43 -12.03 -11.53
CA GLU A 153 10.92 -10.68 -11.31
C GLU A 153 9.82 -9.62 -11.39
N MET A 154 8.55 -10.01 -11.27
CA MET A 154 7.45 -9.06 -11.38
C MET A 154 7.49 -8.02 -10.27
N SER A 155 8.05 -8.36 -9.10
CA SER A 155 8.04 -7.46 -7.94
C SER A 155 8.71 -6.13 -8.21
N HIS A 156 9.54 -6.02 -9.24
CA HIS A 156 10.22 -4.76 -9.45
C HIS A 156 9.32 -3.62 -9.89
N TYR A 157 8.03 -3.90 -10.16
CA TYR A 157 7.11 -2.82 -10.47
C TYR A 157 7.09 -1.77 -9.37
N VAL A 158 7.38 -2.15 -8.11
CA VAL A 158 7.30 -1.19 -7.00
C VAL A 158 8.32 -0.09 -7.12
N GLU A 159 9.33 -0.24 -7.96
CA GLU A 159 10.37 0.77 -8.12
C GLU A 159 9.98 1.89 -9.07
N TYR A 160 8.81 1.81 -9.71
CA TYR A 160 8.47 2.71 -10.80
C TYR A 160 7.54 3.84 -10.35
N ASP A 161 7.69 5.00 -10.99
CA ASP A 161 6.93 6.19 -10.57
C ASP A 161 5.44 6.04 -10.87
N HIS A 162 5.10 5.49 -12.03
CA HIS A 162 3.71 5.26 -12.43
C HIS A 162 3.55 3.83 -12.89
N LEU A 163 2.32 3.33 -12.76
CA LEU A 163 1.92 2.00 -13.20
C LEU A 163 0.75 2.12 -14.18
N VAL A 164 0.87 1.42 -15.32
CA VAL A 164 -0.18 1.36 -16.34
C VAL A 164 -0.59 -0.08 -16.54
N ILE A 165 -1.89 -0.36 -16.41
CA ILE A 165 -2.41 -1.69 -16.64
C ILE A 165 -2.78 -1.78 -18.12
N ASN A 166 -2.08 -2.64 -18.87
CA ASN A 166 -2.37 -2.72 -20.31
C ASN A 166 -3.48 -3.74 -20.53
N ASP A 167 -4.69 -3.32 -20.19
CA ASP A 167 -5.87 -4.16 -20.43
C ASP A 167 -6.44 -3.81 -21.80
N ASP A 168 -7.03 -2.62 -21.93
CA ASP A 168 -7.55 -2.12 -23.20
C ASP A 168 -6.52 -1.17 -23.79
N PHE A 169 -6.13 -1.43 -25.05
CA PHE A 169 -5.01 -0.71 -25.66
C PHE A 169 -5.26 0.80 -25.68
N ALA A 170 -6.46 1.22 -26.12
CA ALA A 170 -6.74 2.65 -26.18
C ALA A 170 -6.68 3.28 -24.79
N HIS A 171 -7.20 2.58 -23.78
CA HIS A 171 -7.18 3.12 -22.42
CA HIS A 171 -7.17 3.13 -22.42
C HIS A 171 -5.75 3.21 -21.89
N ALA A 172 -4.94 2.19 -22.16
CA ALA A 172 -3.55 2.23 -21.71
C ALA A 172 -2.80 3.37 -22.42
N LEU A 173 -3.06 3.55 -23.73
CA LEU A 173 -2.41 4.64 -24.44
C LEU A 173 -2.82 6.01 -23.88
N ASP A 174 -4.10 6.20 -23.59
CA ASP A 174 -4.52 7.45 -22.95
C ASP A 174 -3.85 7.64 -21.61
N ASP A 175 -3.66 6.55 -20.86
CA ASP A 175 -2.94 6.63 -19.58
C ASP A 175 -1.51 7.13 -19.77
N LEU A 176 -0.78 6.52 -20.71
CA LEU A 176 0.58 6.96 -21.02
C LEU A 176 0.60 8.42 -21.42
N LYS A 177 -0.34 8.84 -22.30
CA LYS A 177 -0.37 10.23 -22.72
C LYS A 177 -0.57 11.17 -21.53
N ALA A 178 -1.43 10.78 -20.59
CA ALA A 178 -1.67 11.64 -19.42
C ALA A 178 -0.42 11.81 -18.58
N ILE A 179 0.34 10.72 -18.41
CA ILE A 179 1.60 10.81 -17.65
C ILE A 179 2.56 11.78 -18.32
N PHE A 180 2.73 11.65 -19.64
CA PHE A 180 3.64 12.54 -20.34
C PHE A 180 3.16 14.00 -20.27
N ARG A 181 1.85 14.23 -20.44
CA ARG A 181 1.34 15.60 -20.38
C ARG A 181 1.46 16.17 -18.97
N ALA A 182 1.13 15.38 -17.96
CA ALA A 182 1.24 15.87 -16.60
C ALA A 182 2.67 16.30 -16.29
N ARG A 183 3.68 15.58 -16.82
CA ARG A 183 5.06 16.00 -16.60
C ARG A 183 5.32 17.39 -17.19
N GLN A 184 4.76 17.66 -18.37
CA GLN A 184 4.93 18.99 -18.96
C GLN A 184 4.15 20.06 -18.22
N LEU A 185 3.16 19.68 -17.42
CA LEU A 185 2.41 20.63 -16.59
C LEU A 185 3.02 20.82 -15.21
N ARG A 186 4.12 20.12 -14.91
CA ARG A 186 4.76 20.23 -13.63
C ARG A 186 5.37 21.61 -13.46
N GLN A 187 5.51 22.04 -12.20
CA GLN A 187 6.05 23.37 -11.89
C GLN A 187 7.31 23.70 -12.70
N ASP A 188 8.30 22.80 -12.69
CA ASP A 188 9.58 23.11 -13.34
C ASP A 188 9.42 23.27 -14.86
N ALA A 189 8.67 22.39 -15.50
CA ALA A 189 8.50 22.49 -16.95
C ALA A 189 7.72 23.75 -17.31
N GLN A 190 6.67 24.08 -16.55
CA GLN A 190 5.85 25.25 -16.85
C GLN A 190 6.60 26.55 -16.57
N GLN A 191 7.42 26.56 -15.52
CA GLN A 191 8.22 27.75 -15.23
C GLN A 191 9.14 28.08 -16.41
N GLN A 192 9.76 27.06 -16.99
CA GLN A 192 10.60 27.27 -18.17
C GLN A 192 9.77 27.68 -19.38
N ARG A 193 8.64 27.02 -19.60
CA ARG A 193 7.83 27.30 -20.78
C ARG A 193 7.26 28.71 -20.72
N HIS A 194 6.78 29.14 -19.55
CA HIS A 194 6.04 30.39 -19.40
C HIS A 194 6.81 31.45 -18.62
N ALA A 195 8.14 31.42 -18.70
CA ALA A 195 8.96 32.33 -17.90
C ALA A 195 8.55 33.78 -18.12
N GLU A 196 8.38 34.19 -19.39
CA GLU A 196 8.05 35.58 -19.67
C GLU A 196 6.66 35.93 -19.16
N LEU A 197 5.68 35.07 -19.42
CA LEU A 197 4.33 35.30 -18.94
C LEU A 197 4.30 35.45 -17.41
N LEU A 198 4.94 34.51 -16.71
CA LEU A 198 4.94 34.54 -15.25
C LEU A 198 5.52 35.83 -14.71
N GLY A 199 6.62 36.30 -15.30
CA GLY A 199 7.17 37.59 -14.90
C GLY A 199 6.21 38.74 -15.14
N ARG A 200 5.45 38.68 -16.23
CA ARG A 200 4.47 39.73 -16.49
C ARG A 200 3.33 39.68 -15.49
N LEU A 201 2.87 38.47 -15.14
CA LEU A 201 1.77 38.35 -14.18
C LEU A 201 2.14 38.90 -12.82
N LEU A 202 3.40 38.77 -12.42
CA LEU A 202 3.85 39.20 -11.09
C LEU A 202 4.35 40.64 -11.05
N ALA A 203 4.56 41.27 -12.20
CA ALA A 203 5.13 42.60 -12.21
C ALA A 203 4.11 43.62 -11.71
N GLY A 204 4.56 44.52 -10.84
CA GLY A 204 3.68 45.53 -10.27
C GLY A 204 4.05 46.93 -10.69
N SER B 2 -0.54 -31.16 11.10
CA SER B 2 0.88 -31.04 10.79
C SER B 2 1.38 -29.65 11.20
N GLY B 3 2.70 -29.48 11.28
CA GLY B 3 3.26 -28.23 11.70
C GLY B 3 3.19 -27.18 10.61
N THR B 4 3.59 -25.97 10.96
CA THR B 4 3.62 -24.85 10.02
C THR B 4 5.03 -24.62 9.50
N LEU B 5 5.14 -24.36 8.21
CA LEU B 5 6.42 -24.03 7.60
C LEU B 5 6.51 -22.53 7.47
N TYR B 6 7.60 -21.96 7.98
CA TYR B 6 7.86 -20.53 7.84
C TYR B 6 9.07 -20.31 6.95
N ILE B 7 8.90 -19.45 5.96
CA ILE B 7 10.02 -18.96 5.16
C ILE B 7 10.42 -17.63 5.78
N VAL B 8 11.67 -17.50 6.20
CA VAL B 8 12.13 -16.24 6.76
C VAL B 8 13.27 -15.77 5.88
N SER B 9 13.12 -14.60 5.28
CA SER B 9 14.07 -14.06 4.34
C SER B 9 14.53 -12.68 4.76
N ALA B 10 15.64 -12.27 4.19
CA ALA B 10 16.23 -10.97 4.44
C ALA B 10 16.83 -10.56 3.11
N PRO B 11 17.25 -9.30 2.93
CA PRO B 11 17.89 -8.91 1.67
C PRO B 11 19.04 -9.84 1.31
N SER B 12 19.22 -10.04 0.02
CA SER B 12 20.16 -11.04 -0.48
C SER B 12 21.57 -10.70 -0.03
N GLY B 13 22.24 -11.66 0.61
CA GLY B 13 23.60 -11.47 1.06
C GLY B 13 23.73 -11.31 2.55
N ALA B 14 22.65 -11.05 3.27
CA ALA B 14 22.69 -10.91 4.71
C ALA B 14 22.39 -12.28 5.28
N GLY B 15 23.45 -12.96 5.71
CA GLY B 15 23.48 -14.34 6.19
C GLY B 15 22.39 -14.78 7.12
N LYS B 16 22.48 -16.02 7.59
CA LYS B 16 21.51 -16.49 8.57
C LYS B 16 21.50 -15.50 9.74
N THR B 17 20.30 -15.06 10.12
CA THR B 17 20.15 -13.89 10.97
C THR B 17 20.30 -14.21 12.46
N SER B 18 20.79 -13.22 13.21
CA SER B 18 20.76 -13.34 14.66
C SER B 18 19.33 -13.38 15.19
N LEU B 19 18.38 -12.69 14.54
CA LEU B 19 17.02 -12.68 15.04
C LEU B 19 16.43 -14.07 15.09
N VAL B 20 16.63 -14.84 14.02
CA VAL B 20 16.10 -16.20 13.99
C VAL B 20 16.77 -17.04 15.06
N LYS B 21 18.09 -16.88 15.24
CA LYS B 21 18.79 -17.57 16.32
C LYS B 21 18.18 -17.24 17.68
N ALA B 22 17.93 -15.96 17.95
CA ALA B 22 17.35 -15.55 19.23
C ALA B 22 15.94 -16.08 19.40
N LEU B 23 15.16 -16.11 18.31
CA LEU B 23 13.81 -16.68 18.38
C LEU B 23 13.86 -18.16 18.75
N LEU B 24 14.78 -18.89 18.13
CA LEU B 24 14.94 -20.31 18.48
C LEU B 24 15.38 -20.48 19.92
N ASP B 25 16.23 -19.58 20.42
CA ASP B 25 16.63 -19.68 21.82
C ASP B 25 15.45 -19.43 22.75
N ALA B 26 14.51 -18.58 22.35
CA ALA B 26 13.40 -18.28 23.24
C ALA B 26 12.22 -19.23 23.05
N ALA B 27 12.17 -19.96 21.94
CA ALA B 27 11.10 -20.91 21.66
C ALA B 27 11.72 -22.16 21.05
N PRO B 28 12.31 -23.02 21.89
CA PRO B 28 13.12 -24.14 21.36
C PRO B 28 12.32 -25.24 20.67
N GLU B 29 10.99 -25.26 20.75
CA GLU B 29 10.27 -26.26 19.97
C GLU B 29 10.17 -25.90 18.49
N VAL B 30 10.51 -24.68 18.10
CA VAL B 30 10.49 -24.32 16.68
C VAL B 30 11.80 -24.84 16.10
N ARG B 31 11.71 -25.50 14.96
CA ARG B 31 12.90 -26.09 14.35
C ARG B 31 13.40 -25.22 13.21
N VAL B 32 14.65 -25.43 12.82
CA VAL B 32 15.26 -24.72 11.70
C VAL B 32 15.94 -25.73 10.79
N SER B 33 15.75 -25.57 9.49
CA SER B 33 16.39 -26.43 8.49
C SER B 33 17.86 -26.04 8.36
N VAL B 34 18.73 -27.05 8.34
CA VAL B 34 20.15 -26.85 8.07
C VAL B 34 20.34 -26.94 6.55
N SER B 35 20.70 -25.82 5.93
CA SER B 35 20.82 -25.77 4.48
C SER B 35 22.08 -26.47 3.99
N HIS B 36 22.04 -26.96 2.75
CA HIS B 36 23.24 -27.36 2.03
C HIS B 36 23.79 -26.17 1.27
N THR B 37 25.11 -26.07 1.19
CA THR B 37 25.74 -25.06 0.37
C THR B 37 27.03 -25.60 -0.25
N THR B 38 27.42 -25.02 -1.38
CA THR B 38 28.69 -25.35 -2.02
C THR B 38 29.77 -24.31 -1.74
N ARG B 39 29.45 -23.22 -1.05
CA ARG B 39 30.53 -22.30 -0.70
C ARG B 39 31.41 -22.91 0.37
N GLY B 40 32.65 -22.44 0.41
CA GLY B 40 33.59 -22.94 1.40
C GLY B 40 33.23 -22.50 2.80
N MET B 41 33.67 -23.28 3.78
CA MET B 41 33.42 -22.96 5.17
C MET B 41 34.14 -21.70 5.59
N ARG B 42 33.55 -20.97 6.51
CA ARG B 42 34.18 -19.80 7.08
C ARG B 42 34.68 -20.13 8.47
N PRO B 43 35.65 -19.37 9.00
CA PRO B 43 36.14 -19.65 10.35
C PRO B 43 35.02 -19.59 11.38
N GLY B 44 35.01 -20.58 12.27
CA GLY B 44 33.97 -20.69 13.28
C GLY B 44 32.71 -21.38 12.83
N GLU B 45 32.66 -21.91 11.60
CA GLU B 45 31.49 -22.62 11.13
C GLU B 45 31.70 -24.12 11.28
N VAL B 46 30.60 -24.84 11.51
CA VAL B 46 30.65 -26.27 11.79
C VAL B 46 29.72 -26.98 10.82
N ASP B 47 30.27 -27.96 10.09
CA ASP B 47 29.44 -28.76 9.21
C ASP B 47 28.38 -29.50 10.02
N GLY B 48 27.13 -29.40 9.58
CA GLY B 48 26.00 -29.93 10.31
C GLY B 48 25.29 -28.96 11.22
N VAL B 49 25.86 -27.79 11.49
CA VAL B 49 25.21 -26.77 12.30
C VAL B 49 24.86 -25.55 11.46
N ASN B 50 25.85 -24.86 10.93
CA ASN B 50 25.59 -23.71 10.07
C ASN B 50 25.03 -24.15 8.72
N TYR B 51 25.66 -25.15 8.11
CA TYR B 51 25.27 -25.69 6.83
C TYR B 51 25.75 -27.13 6.74
N HIS B 52 25.19 -27.87 5.79
CA HIS B 52 25.87 -29.07 5.27
C HIS B 52 26.75 -28.60 4.12
N PHE B 53 28.05 -28.49 4.36
CA PHE B 53 28.98 -28.03 3.35
C PHE B 53 29.28 -29.17 2.38
N THR B 54 29.05 -28.94 1.10
CA THR B 54 29.19 -30.01 0.11
C THR B 54 29.82 -29.44 -1.15
N SER B 55 30.10 -30.34 -2.09
CA SER B 55 30.66 -29.99 -3.39
C SER B 55 29.55 -29.74 -4.41
N ARG B 56 29.90 -29.04 -5.49
CA ARG B 56 28.94 -28.80 -6.56
C ARG B 56 28.51 -30.11 -7.20
N GLU B 57 29.46 -31.04 -7.42
CA GLU B 57 29.10 -32.31 -8.04
C GLU B 57 28.15 -33.11 -7.16
N GLU B 58 28.43 -33.16 -5.87
CA GLU B 58 27.51 -33.87 -4.98
C GLU B 58 26.20 -33.10 -4.84
N PHE B 59 26.26 -31.76 -4.85
CA PHE B 59 25.04 -30.95 -4.85
C PHE B 59 24.20 -31.25 -6.08
N LEU B 60 24.85 -31.31 -7.26
CA LEU B 60 24.12 -31.61 -8.49
C LEU B 60 23.60 -33.04 -8.49
N ALA B 61 24.37 -33.98 -7.93
CA ALA B 61 23.88 -35.34 -7.80
C ALA B 61 22.65 -35.37 -6.91
N MET B 62 22.67 -34.59 -5.83
CA MET B 62 21.47 -34.46 -5.00
C MET B 62 20.33 -33.87 -5.82
N LEU B 63 20.62 -32.86 -6.63
CA LEU B 63 19.61 -32.28 -7.53
C LEU B 63 19.03 -33.33 -8.47
N GLU B 64 19.90 -34.16 -9.07
CA GLU B 64 19.41 -35.18 -9.99
C GLU B 64 18.54 -36.20 -9.26
N ARG B 65 18.81 -36.45 -7.99
CA ARG B 65 17.99 -37.36 -7.20
C ARG B 65 16.76 -36.68 -6.61
N ASN B 66 16.50 -35.41 -6.98
CA ASN B 66 15.32 -34.69 -6.54
C ASN B 66 15.24 -34.59 -5.01
N GLU B 67 16.38 -34.41 -4.37
CA GLU B 67 16.44 -34.37 -2.91
C GLU B 67 16.21 -32.97 -2.34
N PHE B 68 16.15 -31.94 -3.17
CA PHE B 68 16.00 -30.56 -2.70
C PHE B 68 14.56 -30.09 -2.86
N LEU B 69 14.00 -29.55 -1.78
CA LEU B 69 12.75 -28.82 -1.87
C LEU B 69 12.92 -27.55 -2.70
N GLU B 70 14.06 -26.89 -2.54
CA GLU B 70 14.38 -25.69 -3.30
C GLU B 70 15.90 -25.55 -3.30
N HIS B 71 16.39 -24.83 -4.30
CA HIS B 71 17.79 -24.47 -4.37
C HIS B 71 17.92 -23.20 -5.19
N ALA B 72 19.04 -22.52 -5.00
CA ALA B 72 19.29 -21.28 -5.72
C ALA B 72 20.79 -21.04 -5.75
N GLU B 73 21.21 -20.27 -6.73
CA GLU B 73 22.58 -19.79 -6.79
C GLU B 73 22.63 -18.40 -6.19
N VAL B 74 23.56 -18.19 -5.26
CA VAL B 74 23.76 -16.90 -4.60
C VAL B 74 25.25 -16.60 -4.66
N PHE B 75 25.62 -15.52 -5.36
CA PHE B 75 27.03 -15.15 -5.57
C PHE B 75 27.84 -16.31 -6.13
N GLY B 76 27.22 -17.07 -7.03
CA GLY B 76 27.89 -18.16 -7.71
C GLY B 76 27.92 -19.48 -6.98
N ASN B 77 27.55 -19.53 -5.71
CA ASN B 77 27.50 -20.78 -4.98
C ASN B 77 26.06 -21.27 -4.86
N LEU B 78 25.91 -22.58 -4.72
CA LEU B 78 24.61 -23.21 -4.66
C LEU B 78 24.20 -23.41 -3.20
N TYR B 79 22.93 -23.13 -2.92
CA TYR B 79 22.32 -23.32 -1.60
C TYR B 79 20.99 -24.01 -1.83
N GLY B 80 20.61 -24.86 -0.88
CA GLY B 80 19.34 -25.54 -1.01
C GLY B 80 18.87 -26.18 0.28
N THR B 81 17.57 -26.45 0.32
CA THR B 81 16.88 -27.08 1.43
C THR B 81 16.55 -28.52 1.08
N SER B 82 17.10 -29.48 1.83
CA SER B 82 16.79 -30.88 1.53
C SER B 82 15.37 -31.18 1.97
N GLN B 83 14.64 -31.92 1.13
CA GLN B 83 13.20 -32.05 1.33
C GLN B 83 12.86 -33.06 2.42
N ARG B 84 13.63 -34.15 2.53
CA ARG B 84 13.28 -35.21 3.47
C ARG B 84 13.16 -34.70 4.90
N TRP B 85 14.13 -33.89 5.35
CA TRP B 85 14.10 -33.40 6.72
C TRP B 85 12.88 -32.50 6.95
N VAL B 86 12.53 -31.69 5.96
CA VAL B 86 11.39 -30.80 6.08
C VAL B 86 10.08 -31.58 6.18
N GLU B 87 9.88 -32.54 5.28
CA GLU B 87 8.64 -33.31 5.27
C GLU B 87 8.46 -34.11 6.55
N LYS B 88 9.53 -34.76 7.02
CA LYS B 88 9.44 -35.52 8.26
C LYS B 88 9.10 -34.60 9.44
N THR B 89 9.75 -33.44 9.51
CA THR B 89 9.56 -32.52 10.63
C THR B 89 8.14 -31.99 10.67
N LEU B 90 7.61 -31.57 9.52
CA LEU B 90 6.22 -31.14 9.47
C LEU B 90 5.27 -32.27 9.87
N ALA B 91 5.57 -33.49 9.41
CA ALA B 91 4.75 -34.65 9.71
C ALA B 91 4.82 -35.01 11.19
N GLU B 92 5.86 -34.59 11.89
CA GLU B 92 5.95 -34.71 13.33
C GLU B 92 5.12 -33.65 14.07
N GLY B 93 4.47 -32.74 13.34
CA GLY B 93 3.66 -31.72 13.96
C GLY B 93 4.43 -30.51 14.45
N LEU B 94 5.69 -30.37 14.05
CA LEU B 94 6.56 -29.29 14.53
C LEU B 94 6.55 -28.13 13.55
N ASP B 95 6.65 -26.92 14.10
CA ASP B 95 6.90 -25.75 13.28
C ASP B 95 8.37 -25.70 12.90
N LEU B 96 8.67 -25.14 11.73
CA LEU B 96 10.06 -25.06 11.31
C LEU B 96 10.26 -23.83 10.44
N ILE B 97 11.51 -23.34 10.45
CA ILE B 97 11.90 -22.15 9.71
C ILE B 97 12.87 -22.57 8.61
N LEU B 98 12.63 -22.05 7.41
CA LEU B 98 13.61 -22.07 6.31
C LEU B 98 14.16 -20.65 6.20
N GLU B 99 15.44 -20.47 6.49
CA GLU B 99 16.11 -19.19 6.29
C GLU B 99 16.76 -19.20 4.91
N ILE B 100 16.06 -18.64 3.92
CA ILE B 100 16.43 -18.78 2.51
C ILE B 100 16.16 -17.44 1.81
N ASP B 101 16.74 -17.29 0.61
CA ASP B 101 16.61 -16.03 -0.12
C ASP B 101 15.27 -15.99 -0.85
N TRP B 102 15.06 -14.89 -1.58
CA TRP B 102 13.79 -14.69 -2.26
C TRP B 102 13.57 -15.73 -3.35
N GLN B 103 14.63 -16.21 -3.98
CA GLN B 103 14.49 -17.24 -5.00
C GLN B 103 13.94 -18.54 -4.41
N GLY B 104 14.55 -19.02 -3.31
CA GLY B 104 14.04 -20.22 -2.67
C GLY B 104 12.62 -20.04 -2.14
N ALA B 105 12.32 -18.84 -1.63
CA ALA B 105 10.96 -18.58 -1.16
C ALA B 105 9.94 -18.80 -2.27
N GLN B 106 10.25 -18.33 -3.49
CA GLN B 106 9.32 -18.51 -4.60
C GLN B 106 9.11 -20.00 -4.89
N GLN B 107 10.18 -20.78 -4.85
CA GLN B 107 10.07 -22.21 -5.13
C GLN B 107 9.23 -22.91 -4.07
N VAL B 108 9.43 -22.56 -2.80
CA VAL B 108 8.69 -23.23 -1.73
C VAL B 108 7.21 -22.89 -1.81
N ARG B 109 6.88 -21.61 -2.06
CA ARG B 109 5.49 -21.20 -2.15
C ARG B 109 4.76 -21.95 -3.26
N ARG B 110 5.44 -22.15 -4.39
CA ARG B 110 4.82 -22.88 -5.49
C ARG B 110 4.51 -24.31 -5.09
N LEU B 111 5.42 -24.95 -4.37
CA LEU B 111 5.23 -26.35 -4.00
C LEU B 111 4.38 -26.49 -2.75
N MET B 112 4.38 -25.49 -1.87
CA MET B 112 3.67 -25.57 -0.59
C MET B 112 2.93 -24.28 -0.35
N PRO B 113 1.72 -24.14 -0.88
CA PRO B 113 1.01 -22.87 -0.75
C PRO B 113 0.63 -22.53 0.68
N GLU B 114 0.62 -23.49 1.58
CA GLU B 114 0.31 -23.19 2.98
C GLU B 114 1.50 -22.60 3.73
N ALA B 115 2.65 -22.47 3.08
CA ALA B 115 3.83 -21.90 3.72
C ALA B 115 3.58 -20.44 4.06
N GLN B 116 3.93 -20.05 5.28
CA GLN B 116 3.88 -18.66 5.69
C GLN B 116 5.26 -18.05 5.47
N SER B 117 5.30 -16.73 5.23
CA SER B 117 6.59 -16.11 4.97
C SER B 117 6.69 -14.75 5.63
N ILE B 118 7.92 -14.45 6.06
CA ILE B 118 8.28 -13.23 6.77
C ILE B 118 9.55 -12.68 6.13
N PHE B 119 9.53 -11.39 5.81
CA PHE B 119 10.71 -10.70 5.32
C PHE B 119 11.22 -9.76 6.39
N ILE B 120 12.50 -9.87 6.71
CA ILE B 120 13.12 -9.04 7.75
C ILE B 120 13.90 -7.92 7.07
N LEU B 121 13.50 -6.69 7.36
CA LEU B 121 14.04 -5.54 6.67
C LEU B 121 15.01 -4.78 7.56
N PRO B 122 16.07 -4.21 7.00
CA PRO B 122 16.92 -3.32 7.75
C PRO B 122 16.24 -1.98 7.94
N PRO B 123 16.63 -1.20 8.95
CA PRO B 123 16.03 0.14 9.12
C PRO B 123 16.59 1.18 8.17
N SER B 124 17.65 0.85 7.42
CA SER B 124 18.29 1.82 6.53
C SER B 124 19.34 1.09 5.70
N GLN B 125 19.71 1.72 4.58
CA GLN B 125 20.79 1.18 3.77
C GLN B 125 22.12 1.22 4.51
N GLU B 126 22.35 2.27 5.32
CA GLU B 126 23.57 2.31 6.14
C GLU B 126 23.63 1.13 7.09
N ALA B 127 22.53 0.86 7.80
CA ALA B 127 22.52 -0.28 8.72
C ALA B 127 22.71 -1.59 7.96
N LEU B 128 22.13 -1.70 6.77
CA LEU B 128 22.32 -2.91 5.98
C LEU B 128 23.79 -3.11 5.63
N ARG B 129 24.49 -2.03 5.28
CA ARG B 129 25.90 -2.13 4.93
C ARG B 129 26.74 -2.62 6.11
N GLN B 130 26.56 -2.00 7.28
CA GLN B 130 27.33 -2.36 8.47
C GLN B 130 27.14 -3.84 8.81
N ARG B 131 25.89 -4.29 8.84
CA ARG B 131 25.62 -5.69 9.16
C ARG B 131 26.22 -6.62 8.11
N LEU B 132 26.19 -6.22 6.84
CA LEU B 132 26.73 -7.03 5.74
C LEU B 132 28.25 -7.13 5.77
N THR B 133 28.93 -6.51 6.74
CA THR B 133 30.38 -6.62 6.84
C THR B 133 30.77 -7.31 8.13
N SER B 139 35.90 -7.98 3.07
CA SER B 139 36.58 -7.50 1.88
C SER B 139 35.76 -6.41 1.20
N ASP B 140 36.37 -5.25 0.94
CA ASP B 140 35.63 -4.12 0.39
C ASP B 140 34.96 -4.45 -0.93
N GLU B 141 35.71 -5.01 -1.87
CA GLU B 141 35.12 -5.40 -3.15
C GLU B 141 33.97 -6.38 -2.96
N VAL B 142 34.18 -7.39 -2.11
CA VAL B 142 33.12 -8.36 -1.84
C VAL B 142 31.92 -7.68 -1.20
N ILE B 143 32.16 -6.72 -0.30
CA ILE B 143 31.06 -6.03 0.37
C ILE B 143 30.22 -5.25 -0.66
N GLU B 144 30.88 -4.61 -1.62
CA GLU B 144 30.17 -3.80 -2.61
C GLU B 144 29.25 -4.66 -3.46
N ARG B 145 29.70 -5.87 -3.81
CA ARG B 145 28.85 -6.79 -4.56
C ARG B 145 27.62 -7.21 -3.75
N ARG B 146 27.80 -7.47 -2.46
CA ARG B 146 26.66 -7.85 -1.63
C ARG B 146 25.65 -6.70 -1.47
N MET B 147 26.13 -5.47 -1.29
CA MET B 147 25.21 -4.34 -1.14
C MET B 147 24.43 -4.08 -2.42
N ARG B 148 25.11 -4.11 -3.58
CA ARG B 148 24.41 -3.88 -4.83
C ARG B 148 23.34 -4.95 -5.06
N GLU B 149 23.68 -6.22 -4.79
CA GLU B 149 22.70 -7.28 -4.99
C GLU B 149 21.54 -7.14 -3.99
N ALA B 150 21.84 -6.81 -2.74
CA ALA B 150 20.79 -6.68 -1.73
C ALA B 150 19.80 -5.57 -2.10
N VAL B 151 20.31 -4.42 -2.53
CA VAL B 151 19.42 -3.34 -2.93
C VAL B 151 18.68 -3.70 -4.21
N SER B 152 19.39 -4.30 -5.17
CA SER B 152 18.80 -4.58 -6.48
C SER B 152 17.58 -5.48 -6.35
N GLU B 153 17.64 -6.50 -5.49
CA GLU B 153 16.54 -7.42 -5.31
C GLU B 153 15.67 -7.14 -4.07
N MET B 154 15.73 -5.93 -3.51
CA MET B 154 14.94 -5.62 -2.32
C MET B 154 13.43 -5.71 -2.58
N SER B 155 13.00 -5.46 -3.82
CA SER B 155 11.57 -5.41 -4.16
C SER B 155 10.81 -6.70 -3.85
N HIS B 156 11.51 -7.83 -3.70
CA HIS B 156 10.77 -9.07 -3.46
C HIS B 156 10.12 -9.11 -2.08
N TYR B 157 10.38 -8.12 -1.22
CA TYR B 157 9.69 -8.06 0.07
C TYR B 157 8.17 -8.06 -0.12
N VAL B 158 7.68 -7.54 -1.25
CA VAL B 158 6.23 -7.45 -1.46
C VAL B 158 5.54 -8.80 -1.56
N GLU B 159 6.32 -9.87 -1.74
CA GLU B 159 5.79 -11.23 -1.86
C GLU B 159 5.54 -11.90 -0.51
N TYR B 160 5.87 -11.25 0.60
CA TYR B 160 5.89 -11.93 1.89
C TYR B 160 4.65 -11.59 2.71
N ASP B 161 4.21 -12.53 3.55
CA ASP B 161 2.97 -12.32 4.31
C ASP B 161 3.15 -11.25 5.38
N HIS B 162 4.28 -11.26 6.07
CA HIS B 162 4.56 -10.29 7.11
C HIS B 162 5.90 -9.63 6.86
N LEU B 163 6.03 -8.40 7.34
CA LEU B 163 7.26 -7.63 7.25
C LEU B 163 7.65 -7.21 8.65
N VAL B 164 8.90 -7.46 9.01
CA VAL B 164 9.45 -7.07 10.30
C VAL B 164 10.61 -6.13 10.04
N ILE B 165 10.56 -4.94 10.64
CA ILE B 165 11.63 -3.96 10.52
C ILE B 165 12.60 -4.21 11.68
N ASN B 166 13.82 -4.62 11.36
CA ASN B 166 14.79 -4.94 12.41
C ASN B 166 15.54 -3.68 12.80
N ASP B 167 14.82 -2.80 13.51
CA ASP B 167 15.42 -1.57 13.99
C ASP B 167 15.93 -1.70 15.41
N ASP B 168 15.16 -2.37 16.26
CA ASP B 168 15.52 -2.62 17.65
C ASP B 168 15.35 -4.11 17.85
N PHE B 169 16.43 -4.77 18.30
CA PHE B 169 16.47 -6.23 18.24
C PHE B 169 15.35 -6.84 19.08
N ALA B 170 15.18 -6.39 20.31
CA ALA B 170 14.17 -6.96 21.18
C ALA B 170 12.76 -6.72 20.63
N HIS B 171 12.52 -5.53 20.10
CA HIS B 171 11.21 -5.25 19.50
C HIS B 171 10.97 -6.12 18.27
N ALA B 172 11.98 -6.29 17.42
CA ALA B 172 11.81 -7.17 16.26
C ALA B 172 11.64 -8.62 16.69
N LEU B 173 12.34 -9.04 17.73
CA LEU B 173 12.14 -10.39 18.26
C LEU B 173 10.69 -10.58 18.74
N ASP B 174 10.15 -9.60 19.46
CA ASP B 174 8.75 -9.68 19.88
C ASP B 174 7.79 -9.72 18.70
N ASP B 175 8.12 -8.99 17.62
CA ASP B 175 7.32 -9.06 16.40
C ASP B 175 7.28 -10.48 15.86
N LEU B 176 8.45 -11.12 15.75
CA LEU B 176 8.52 -12.50 15.29
C LEU B 176 7.69 -13.40 16.19
N LYS B 177 7.84 -13.24 17.50
CA LYS B 177 7.09 -14.08 18.43
C LYS B 177 5.59 -13.91 18.23
N ALA B 178 5.13 -12.68 18.04
CA ALA B 178 3.69 -12.48 17.85
C ALA B 178 3.19 -13.16 16.59
N ILE B 179 3.97 -13.09 15.50
CA ILE B 179 3.53 -13.73 14.25
C ILE B 179 3.35 -15.24 14.47
N PHE B 180 4.36 -15.88 15.09
CA PHE B 180 4.30 -17.32 15.32
C PHE B 180 3.17 -17.69 16.27
N ARG B 181 2.95 -16.89 17.32
CA ARG B 181 1.90 -17.20 18.28
C ARG B 181 0.51 -16.99 17.66
N ALA B 182 0.31 -15.88 16.93
CA ALA B 182 -0.98 -15.64 16.28
C ALA B 182 -1.34 -16.74 15.30
N ARG B 183 -0.36 -17.29 14.59
CA ARG B 183 -0.61 -18.37 13.65
C ARG B 183 -1.26 -19.58 14.32
N GLN B 184 -0.79 -19.95 15.52
CA GLN B 184 -1.37 -21.08 16.23
C GLN B 184 -2.71 -20.76 16.86
N LEU B 185 -3.09 -19.50 16.93
CA LEU B 185 -4.42 -19.13 17.41
C LEU B 185 -5.45 -19.06 16.27
N ARG B 186 -5.01 -19.29 15.04
CA ARG B 186 -5.96 -19.26 13.93
C ARG B 186 -6.92 -20.45 14.01
N GLN B 187 -8.09 -20.25 13.39
CA GLN B 187 -9.17 -21.25 13.35
C GLN B 187 -8.64 -22.64 13.02
N ASP B 188 -7.89 -22.76 11.94
CA ASP B 188 -7.48 -24.11 11.51
C ASP B 188 -6.54 -24.75 12.52
N ALA B 189 -5.58 -23.99 13.05
CA ALA B 189 -4.64 -24.59 14.00
C ALA B 189 -5.35 -24.98 15.29
N GLN B 190 -6.27 -24.14 15.75
CA GLN B 190 -6.99 -24.42 17.00
C GLN B 190 -7.96 -25.59 16.85
N GLN B 191 -8.63 -25.68 15.69
CA GLN B 191 -9.51 -26.83 15.46
C GLN B 191 -8.73 -28.14 15.53
N GLN B 192 -7.54 -28.17 14.93
CA GLN B 192 -6.74 -29.39 14.98
C GLN B 192 -6.22 -29.66 16.38
N ARG B 193 -5.67 -28.63 17.04
CA ARG B 193 -5.06 -28.82 18.34
C ARG B 193 -6.09 -29.10 19.42
N HIS B 194 -7.20 -28.39 19.42
CA HIS B 194 -8.19 -28.46 20.50
C HIS B 194 -9.54 -29.04 20.03
N ALA B 195 -9.53 -29.98 19.07
CA ALA B 195 -10.76 -30.54 18.52
C ALA B 195 -11.67 -31.13 19.62
N GLU B 196 -11.11 -31.90 20.55
CA GLU B 196 -11.96 -32.53 21.56
C GLU B 196 -12.61 -31.50 22.47
N LEU B 197 -11.82 -30.51 22.92
CA LEU B 197 -12.37 -29.46 23.77
C LEU B 197 -13.51 -28.73 23.05
N LEU B 198 -13.28 -28.37 21.79
CA LEU B 198 -14.32 -27.66 21.04
C LEU B 198 -15.59 -28.50 20.91
N GLY B 199 -15.43 -29.81 20.65
CA GLY B 199 -16.59 -30.67 20.57
C GLY B 199 -17.39 -30.73 21.85
N ARG B 200 -16.69 -30.77 22.99
CA ARG B 200 -17.41 -30.78 24.26
C ARG B 200 -18.12 -29.46 24.52
N LEU B 201 -17.52 -28.34 24.11
CA LEU B 201 -18.19 -27.06 24.32
C LEU B 201 -19.54 -27.03 23.61
N LEU B 202 -19.69 -27.79 22.53
CA LEU B 202 -20.91 -27.79 21.74
C LEU B 202 -21.91 -28.86 22.18
N ALA B 203 -21.51 -29.80 23.02
CA ALA B 203 -22.36 -30.94 23.31
C ALA B 203 -23.56 -30.54 24.18
N GLY B 204 -24.54 -31.43 24.26
CA GLY B 204 -25.78 -31.16 24.95
C GLY B 204 -25.76 -31.53 26.42
N SER C 2 -7.63 4.24 0.29
CA SER C 2 -8.28 5.54 0.49
C SER C 2 -8.12 6.44 -0.74
N GLY C 3 -8.96 7.48 -0.84
CA GLY C 3 -8.94 8.36 -2.00
C GLY C 3 -7.80 9.37 -1.99
N THR C 4 -7.68 10.10 -3.09
CA THR C 4 -6.69 11.14 -3.28
C THR C 4 -7.30 12.51 -3.06
N LEU C 5 -6.55 13.40 -2.41
CA LEU C 5 -6.98 14.77 -2.20
C LEU C 5 -6.26 15.69 -3.18
N TYR C 6 -7.03 16.53 -3.89
CA TYR C 6 -6.51 17.52 -4.82
C TYR C 6 -6.80 18.93 -4.27
N ILE C 7 -5.78 19.77 -4.25
CA ILE C 7 -5.92 21.19 -3.95
C ILE C 7 -5.89 21.96 -5.28
N VAL C 8 -6.91 22.75 -5.55
CA VAL C 8 -6.94 23.58 -6.77
C VAL C 8 -7.10 25.03 -6.35
N SER C 9 -6.13 25.87 -6.73
CA SER C 9 -6.16 27.28 -6.38
C SER C 9 -6.11 28.14 -7.63
N ALA C 10 -6.66 29.35 -7.51
CA ALA C 10 -6.66 30.35 -8.57
C ALA C 10 -6.77 31.70 -7.90
N PRO C 11 -6.50 32.79 -8.63
CA PRO C 11 -6.72 34.12 -8.03
C PRO C 11 -8.16 34.24 -7.54
N SER C 12 -8.32 34.74 -6.33
CA SER C 12 -9.61 34.73 -5.64
C SER C 12 -10.61 35.75 -6.14
N GLY C 13 -10.17 36.82 -6.81
CA GLY C 13 -11.09 37.88 -7.21
C GLY C 13 -12.18 37.50 -8.19
N ALA C 14 -12.07 36.35 -8.87
CA ALA C 14 -13.10 35.93 -9.81
C ALA C 14 -14.10 34.91 -9.26
N GLY C 15 -13.86 34.36 -8.07
CA GLY C 15 -14.67 33.25 -7.59
C GLY C 15 -14.12 31.93 -8.06
N LYS C 16 -14.74 30.86 -7.57
CA LYS C 16 -14.35 29.51 -7.95
C LYS C 16 -14.47 29.30 -9.47
N THR C 17 -13.58 28.48 -10.01
CA THR C 17 -13.36 28.45 -11.45
C THR C 17 -14.40 27.59 -12.18
N SER C 18 -14.74 28.03 -13.39
CA SER C 18 -15.53 27.19 -14.29
C SER C 18 -14.77 25.91 -14.65
N LEU C 19 -13.44 25.97 -14.67
CA LEU C 19 -12.63 24.81 -15.03
C LEU C 19 -12.90 23.65 -14.08
N VAL C 20 -12.92 23.91 -12.77
CA VAL C 20 -13.20 22.85 -11.81
C VAL C 20 -14.64 22.36 -11.97
N LYS C 21 -15.60 23.27 -12.16
CA LYS C 21 -16.97 22.84 -12.41
C LYS C 21 -17.02 21.91 -13.62
N ALA C 22 -16.33 22.28 -14.69
CA ALA C 22 -16.34 21.44 -15.90
C ALA C 22 -15.67 20.09 -15.63
N LEU C 23 -14.59 20.09 -14.86
CA LEU C 23 -13.92 18.83 -14.53
C LEU C 23 -14.85 17.90 -13.77
N LEU C 24 -15.53 18.46 -12.76
CA LEU C 24 -16.51 17.68 -12.00
C LEU C 24 -17.66 17.21 -12.86
N ASP C 25 -18.10 18.03 -13.82
CA ASP C 25 -19.18 17.60 -14.69
C ASP C 25 -18.79 16.39 -15.52
N ALA C 26 -17.52 16.31 -15.92
CA ALA C 26 -17.09 15.20 -16.75
C ALA C 26 -16.57 14.02 -15.95
N ALA C 27 -16.41 14.15 -14.64
CA ALA C 27 -15.91 13.06 -13.80
C ALA C 27 -16.76 13.04 -12.53
N PRO C 28 -17.95 12.45 -12.61
CA PRO C 28 -18.89 12.53 -11.49
C PRO C 28 -18.44 11.72 -10.29
N GLU C 29 -17.45 10.83 -10.43
CA GLU C 29 -16.95 10.10 -9.28
C GLU C 29 -16.03 10.93 -8.40
N VAL C 30 -15.57 12.09 -8.87
CA VAL C 30 -14.72 12.98 -8.08
C VAL C 30 -15.63 13.88 -7.27
N ARG C 31 -15.32 14.07 -5.99
CA ARG C 31 -16.15 14.92 -5.14
C ARG C 31 -15.45 16.25 -4.92
N VAL C 32 -16.23 17.23 -4.46
CA VAL C 32 -15.73 18.54 -4.12
C VAL C 32 -16.22 18.92 -2.73
N SER C 33 -15.33 19.47 -1.92
CA SER C 33 -15.70 19.91 -0.58
C SER C 33 -16.50 21.20 -0.65
N VAL C 34 -17.59 21.24 0.13
CA VAL C 34 -18.35 22.47 0.31
C VAL C 34 -17.76 23.22 1.50
N SER C 35 -17.16 24.38 1.24
CA SER C 35 -16.51 25.17 2.27
C SER C 35 -17.55 25.89 3.13
N HIS C 36 -17.15 26.23 4.36
CA HIS C 36 -17.88 27.18 5.18
C HIS C 36 -17.36 28.58 4.87
N THR C 37 -18.26 29.56 4.87
CA THR C 37 -17.84 30.95 4.73
C THR C 37 -18.72 31.83 5.61
N THR C 38 -18.18 32.97 6.02
CA THR C 38 -18.96 33.98 6.73
C THR C 38 -19.40 35.11 5.84
N ARG C 39 -19.01 35.13 4.57
CA ARG C 39 -19.54 36.19 3.71
C ARG C 39 -21.01 35.91 3.41
N GLY C 40 -21.74 36.98 3.10
CA GLY C 40 -23.14 36.83 2.78
C GLY C 40 -23.36 36.14 1.45
N MET C 41 -24.54 35.52 1.32
CA MET C 41 -24.90 34.86 0.08
C MET C 41 -25.10 35.90 -1.03
N ARG C 42 -24.77 35.50 -2.24
CA ARG C 42 -24.98 36.32 -3.42
C ARG C 42 -26.15 35.78 -4.24
N PRO C 43 -26.75 36.60 -5.11
CA PRO C 43 -27.84 36.09 -5.94
C PRO C 43 -27.40 34.89 -6.75
N GLY C 44 -28.26 33.87 -6.78
CA GLY C 44 -27.99 32.63 -7.47
C GLY C 44 -27.19 31.61 -6.67
N GLU C 45 -26.85 31.90 -5.42
CA GLU C 45 -26.11 30.97 -4.57
C GLU C 45 -27.08 30.23 -3.65
N VAL C 46 -26.72 29.00 -3.30
CA VAL C 46 -27.58 28.12 -2.51
C VAL C 46 -26.80 27.62 -1.30
N ASP C 47 -27.36 27.86 -0.11
CA ASP C 47 -26.73 27.37 1.12
C ASP C 47 -26.61 25.86 1.11
N GLY C 48 -25.41 25.36 1.40
CA GLY C 48 -25.14 23.95 1.33
C GLY C 48 -24.59 23.47 0.01
N VAL C 49 -24.62 24.31 -1.02
CA VAL C 49 -24.10 23.95 -2.33
C VAL C 49 -22.87 24.79 -2.65
N ASN C 50 -23.05 26.10 -2.78
CA ASN C 50 -21.92 26.98 -3.02
C ASN C 50 -21.03 27.06 -1.79
N TYR C 51 -21.64 27.17 -0.61
CA TYR C 51 -20.95 27.22 0.67
C TYR C 51 -21.92 26.77 1.75
N HIS C 52 -21.36 26.43 2.91
CA HIS C 52 -22.14 26.46 4.14
C HIS C 52 -21.98 27.86 4.69
N PHE C 53 -23.02 28.68 4.51
CA PHE C 53 -22.98 30.05 4.95
C PHE C 53 -23.25 30.10 6.45
N THR C 54 -22.34 30.72 7.19
CA THR C 54 -22.46 30.76 8.64
C THR C 54 -22.04 32.13 9.14
N SER C 55 -22.20 32.33 10.44
CA SER C 55 -21.83 33.58 11.09
C SER C 55 -20.37 33.55 11.54
N ARG C 56 -19.82 34.74 11.76
CA ARG C 56 -18.45 34.81 12.29
C ARG C 56 -18.37 34.16 13.67
N GLU C 57 -19.39 34.37 14.51
CA GLU C 57 -19.39 33.74 15.83
C GLU C 57 -19.42 32.22 15.70
N GLU C 58 -20.26 31.70 14.80
CA GLU C 58 -20.31 30.25 14.64
C GLU C 58 -19.04 29.71 14.00
N PHE C 59 -18.45 30.47 13.07
CA PHE C 59 -17.19 30.04 12.47
C PHE C 59 -16.09 29.94 13.52
N LEU C 60 -15.98 30.94 14.40
CA LEU C 60 -14.94 30.90 15.42
C LEU C 60 -15.17 29.75 16.41
N ALA C 61 -16.43 29.48 16.75
CA ALA C 61 -16.72 28.35 17.64
C ALA C 61 -16.31 27.03 17.00
N MET C 62 -16.55 26.86 15.70
CA MET C 62 -16.07 25.67 15.01
C MET C 62 -14.56 25.56 15.07
N LEU C 63 -13.85 26.68 14.90
CA LEU C 63 -12.40 26.69 15.08
C LEU C 63 -12.00 26.23 16.48
N GLU C 64 -12.70 26.72 17.52
CA GLU C 64 -12.38 26.31 18.88
C GLU C 64 -12.61 24.83 19.06
N ARG C 65 -13.60 24.27 18.37
CA ARG C 65 -13.87 22.84 18.43
C ARG C 65 -13.00 22.03 17.47
N ASN C 66 -12.03 22.68 16.82
CA ASN C 66 -11.06 21.99 15.95
C ASN C 66 -11.73 21.28 14.78
N GLU C 67 -12.79 21.86 14.23
CA GLU C 67 -13.54 21.18 13.18
C GLU C 67 -13.00 21.47 11.78
N PHE C 68 -12.06 22.38 11.63
CA PHE C 68 -11.55 22.77 10.33
C PHE C 68 -10.22 22.10 10.03
N LEU C 69 -10.12 21.50 8.85
CA LEU C 69 -8.84 21.07 8.33
C LEU C 69 -7.93 22.26 8.05
N GLU C 70 -8.51 23.36 7.57
CA GLU C 70 -7.82 24.59 7.25
C GLU C 70 -8.85 25.71 7.26
N HIS C 71 -8.38 26.94 7.47
CA HIS C 71 -9.24 28.11 7.37
C HIS C 71 -8.39 29.30 6.97
N ALA C 72 -9.04 30.32 6.40
CA ALA C 72 -8.29 31.50 6.00
C ALA C 72 -9.23 32.69 5.89
N GLU C 73 -8.65 33.87 6.03
CA GLU C 73 -9.36 35.10 5.76
C GLU C 73 -9.07 35.51 4.32
N VAL C 74 -10.13 35.75 3.54
CA VAL C 74 -10.02 36.18 2.15
C VAL C 74 -10.95 37.37 1.97
N PHE C 75 -10.38 38.54 1.65
CA PHE C 75 -11.13 39.80 1.56
C PHE C 75 -11.90 40.09 2.85
N GLY C 76 -11.31 39.73 3.99
CA GLY C 76 -11.92 40.04 5.26
C GLY C 76 -12.96 39.05 5.76
N ASN C 77 -13.40 38.12 4.92
CA ASN C 77 -14.34 37.09 5.35
C ASN C 77 -13.58 35.79 5.60
N LEU C 78 -14.15 34.96 6.48
CA LEU C 78 -13.53 33.70 6.88
C LEU C 78 -14.08 32.56 6.03
N TYR C 79 -13.18 31.66 5.59
CA TYR C 79 -13.50 30.47 4.81
C TYR C 79 -12.79 29.27 5.40
N GLY C 80 -13.40 28.10 5.32
CA GLY C 80 -12.72 26.92 5.83
C GLY C 80 -13.28 25.63 5.28
N THR C 81 -12.44 24.60 5.36
CA THR C 81 -12.77 23.24 4.95
C THR C 81 -13.00 22.40 6.20
N SER C 82 -14.21 21.86 6.34
CA SER C 82 -14.51 21.05 7.50
C SER C 82 -13.84 19.68 7.38
N GLN C 83 -13.24 19.23 8.48
CA GLN C 83 -12.34 18.09 8.38
C GLN C 83 -13.08 16.76 8.31
N ARG C 84 -14.18 16.62 9.04
CA ARG C 84 -14.88 15.33 9.09
C ARG C 84 -15.30 14.87 7.70
N TRP C 85 -15.87 15.77 6.90
CA TRP C 85 -16.33 15.37 5.58
C TRP C 85 -15.16 14.91 4.70
N VAL C 86 -14.01 15.58 4.81
CA VAL C 86 -12.84 15.20 4.04
C VAL C 86 -12.37 13.80 4.44
N GLU C 87 -12.25 13.54 5.75
CA GLU C 87 -11.76 12.23 6.19
C GLU C 87 -12.72 11.13 5.77
N LYS C 88 -14.03 11.38 5.89
CA LYS C 88 -15.02 10.39 5.52
C LYS C 88 -14.94 10.05 4.03
N THR C 89 -14.80 11.06 3.19
CA THR C 89 -14.81 10.87 1.74
C THR C 89 -13.55 10.11 1.29
N LEU C 90 -12.39 10.54 1.76
CA LEU C 90 -11.15 9.84 1.45
C LEU C 90 -11.18 8.39 1.97
N ALA C 91 -11.70 8.18 3.18
CA ALA C 91 -11.75 6.83 3.73
C ALA C 91 -12.68 5.94 2.95
N GLU C 92 -13.67 6.51 2.26
CA GLU C 92 -14.51 5.73 1.35
C GLU C 92 -13.80 5.43 0.04
N GLY C 93 -12.57 5.90 -0.15
CA GLY C 93 -11.86 5.64 -1.38
C GLY C 93 -12.20 6.59 -2.52
N LEU C 94 -12.88 7.69 -2.24
CA LEU C 94 -13.24 8.65 -3.27
C LEU C 94 -12.21 9.76 -3.36
N ASP C 95 -11.92 10.20 -4.59
CA ASP C 95 -11.08 11.37 -4.78
C ASP C 95 -11.90 12.63 -4.55
N LEU C 96 -11.24 13.69 -4.11
CA LEU C 96 -11.98 14.92 -3.86
C LEU C 96 -11.09 16.14 -4.07
N ILE C 97 -11.75 17.26 -4.33
CA ILE C 97 -11.11 18.53 -4.63
C ILE C 97 -11.41 19.52 -3.52
N LEU C 98 -10.38 20.22 -3.04
CA LEU C 98 -10.51 21.42 -2.23
C LEU C 98 -10.18 22.62 -3.12
N GLU C 99 -11.18 23.43 -3.44
CA GLU C 99 -10.95 24.66 -4.20
C GLU C 99 -10.79 25.79 -3.18
N ILE C 100 -9.53 26.11 -2.86
CA ILE C 100 -9.17 26.98 -1.73
C ILE C 100 -7.98 27.84 -2.16
N ASP C 101 -7.71 28.89 -1.37
CA ASP C 101 -6.66 29.84 -1.71
C ASP C 101 -5.29 29.32 -1.28
N TRP C 102 -4.25 30.13 -1.52
CA TRP C 102 -2.89 29.68 -1.21
C TRP C 102 -2.67 29.52 0.29
N GLN C 103 -3.37 30.29 1.11
CA GLN C 103 -3.22 30.15 2.56
C GLN C 103 -3.70 28.79 3.02
N GLY C 104 -4.90 28.38 2.59
CA GLY C 104 -5.41 27.07 2.96
C GLY C 104 -4.57 25.95 2.40
N ALA C 105 -4.07 26.13 1.16
CA ALA C 105 -3.19 25.13 0.56
C ALA C 105 -1.96 24.86 1.43
N GLN C 106 -1.33 25.92 1.97
CA GLN C 106 -0.16 25.70 2.81
C GLN C 106 -0.50 24.86 4.02
N GLN C 107 -1.65 25.12 4.64
CA GLN C 107 -2.06 24.35 5.80
C GLN C 107 -2.32 22.89 5.43
N VAL C 108 -2.96 22.66 4.29
CA VAL C 108 -3.32 21.29 3.93
C VAL C 108 -2.06 20.48 3.62
N ARG C 109 -1.09 21.09 2.93
CA ARG C 109 0.14 20.37 2.57
C ARG C 109 0.87 19.85 3.81
N ARG C 110 0.91 20.66 4.87
CA ARG C 110 1.57 20.23 6.09
C ARG C 110 0.88 19.01 6.68
N LEU C 111 -0.46 18.99 6.64
CA LEU C 111 -1.19 17.88 7.26
C LEU C 111 -1.27 16.68 6.33
N MET C 112 -1.20 16.90 5.02
CA MET C 112 -1.33 15.81 4.05
C MET C 112 -0.27 15.98 2.97
N PRO C 113 0.94 15.46 3.22
CA PRO C 113 2.02 15.66 2.24
C PRO C 113 1.80 14.96 0.91
N GLU C 114 0.89 13.98 0.83
CA GLU C 114 0.57 13.27 -0.41
C GLU C 114 -0.43 14.00 -1.30
N ALA C 115 -0.96 15.14 -0.85
CA ALA C 115 -1.93 15.88 -1.64
C ALA C 115 -1.31 16.46 -2.91
N GLN C 116 -2.03 16.33 -4.03
CA GLN C 116 -1.67 16.97 -5.30
C GLN C 116 -2.24 18.38 -5.38
N SER C 117 -1.39 19.38 -5.66
CA SER C 117 -1.88 20.76 -5.75
C SER C 117 -1.65 21.33 -7.14
N ILE C 118 -2.60 22.17 -7.57
CA ILE C 118 -2.61 22.77 -8.90
C ILE C 118 -2.98 24.24 -8.76
N PHE C 119 -2.21 25.12 -9.40
CA PHE C 119 -2.56 26.54 -9.49
C PHE C 119 -2.96 26.85 -10.93
N ILE C 120 -4.14 27.46 -11.09
CA ILE C 120 -4.66 27.85 -12.40
C ILE C 120 -4.40 29.34 -12.61
N LEU C 121 -3.65 29.65 -13.65
CA LEU C 121 -3.18 31.00 -13.90
C LEU C 121 -3.88 31.62 -15.10
N PRO C 122 -4.06 32.94 -15.09
CA PRO C 122 -4.60 33.64 -16.28
C PRO C 122 -3.55 33.73 -17.38
N PRO C 123 -3.98 33.93 -18.63
CA PRO C 123 -3.00 34.05 -19.73
C PRO C 123 -2.32 35.41 -19.81
N SER C 124 -2.78 36.40 -19.06
CA SER C 124 -2.25 37.75 -19.11
C SER C 124 -2.92 38.55 -18.00
N GLN C 125 -2.30 39.68 -17.63
CA GLN C 125 -2.95 40.55 -16.67
C GLN C 125 -4.24 41.14 -17.22
N GLU C 126 -4.26 41.46 -18.51
CA GLU C 126 -5.49 41.98 -19.12
C GLU C 126 -6.64 40.99 -18.96
N ALA C 127 -6.40 39.71 -19.23
CA ALA C 127 -7.47 38.72 -19.06
C ALA C 127 -7.89 38.62 -17.60
N LEU C 128 -6.94 38.69 -16.66
CA LEU C 128 -7.31 38.67 -15.25
C LEU C 128 -8.14 39.89 -14.87
N ARG C 129 -7.76 41.06 -15.36
CA ARG C 129 -8.49 42.29 -15.07
C ARG C 129 -9.93 42.22 -15.58
N GLN C 130 -10.11 41.70 -16.81
CA GLN C 130 -11.45 41.56 -17.37
C GLN C 130 -12.33 40.70 -16.46
N ARG C 131 -11.80 39.58 -15.99
CA ARG C 131 -12.56 38.71 -15.08
C ARG C 131 -12.92 39.43 -13.79
N LEU C 132 -12.02 40.29 -13.28
CA LEU C 132 -12.31 41.03 -12.06
C LEU C 132 -13.40 42.08 -12.29
N THR C 133 -13.28 42.85 -13.36
CA THR C 133 -14.29 43.87 -13.64
C THR C 133 -15.64 43.25 -14.01
N ASN C 134 -15.63 42.02 -14.54
CA ASN C 134 -16.86 41.32 -14.87
C ASN C 134 -17.60 40.86 -13.61
N SER C 139 -16.03 49.71 -9.70
CA SER C 139 -15.28 50.96 -9.64
C SER C 139 -13.82 50.76 -10.01
N ASP C 140 -13.31 51.65 -10.87
CA ASP C 140 -11.94 51.54 -11.37
C ASP C 140 -10.92 51.50 -10.23
N GLU C 141 -11.04 52.41 -9.26
CA GLU C 141 -10.11 52.44 -8.13
C GLU C 141 -10.06 51.09 -7.43
N VAL C 142 -11.23 50.51 -7.18
CA VAL C 142 -11.29 49.20 -6.53
C VAL C 142 -10.60 48.15 -7.38
N ILE C 143 -10.72 48.25 -8.71
CA ILE C 143 -10.19 47.23 -9.60
C ILE C 143 -8.68 47.10 -9.44
N GLU C 144 -7.96 48.22 -9.33
CA GLU C 144 -6.51 48.15 -9.22
C GLU C 144 -6.07 47.52 -7.90
N ARG C 145 -6.79 47.79 -6.82
CA ARG C 145 -6.50 47.11 -5.56
C ARG C 145 -6.78 45.62 -5.66
N ARG C 146 -7.90 45.25 -6.28
CA ARG C 146 -8.20 43.84 -6.49
C ARG C 146 -7.14 43.18 -7.37
N MET C 147 -6.59 43.94 -8.33
CA MET C 147 -5.52 43.40 -9.16
C MET C 147 -4.24 43.22 -8.34
N ARG C 148 -3.92 44.19 -7.49
CA ARG C 148 -2.73 44.05 -6.64
C ARG C 148 -2.86 42.85 -5.71
N GLU C 149 -4.05 42.65 -5.15
CA GLU C 149 -4.27 41.49 -4.29
C GLU C 149 -4.18 40.19 -5.08
N ALA C 150 -4.71 40.17 -6.30
CA ALA C 150 -4.61 38.97 -7.13
C ALA C 150 -3.16 38.70 -7.49
N VAL C 151 -2.38 39.75 -7.76
CA VAL C 151 -0.97 39.57 -8.08
C VAL C 151 -0.24 38.97 -6.89
N SER C 152 -0.54 39.45 -5.67
CA SER C 152 0.09 38.91 -4.48
C SER C 152 -0.23 37.43 -4.32
N GLU C 153 -1.46 37.01 -4.66
CA GLU C 153 -1.81 35.61 -4.55
C GLU C 153 -1.07 34.78 -5.58
N MET C 154 -0.94 35.30 -6.80
CA MET C 154 -0.28 34.55 -7.87
C MET C 154 1.17 34.29 -7.56
N SER C 155 1.80 35.17 -6.77
CA SER C 155 3.21 34.96 -6.45
C SER C 155 3.43 33.63 -5.76
N HIS C 156 2.39 33.05 -5.13
CA HIS C 156 2.52 31.76 -4.48
C HIS C 156 2.44 30.58 -5.44
N TYR C 157 2.30 30.81 -6.75
CA TYR C 157 2.21 29.68 -7.69
C TYR C 157 3.40 28.75 -7.56
N VAL C 158 4.55 29.25 -7.10
CA VAL C 158 5.75 28.43 -6.96
C VAL C 158 5.59 27.34 -5.91
N GLU C 159 4.55 27.41 -5.07
CA GLU C 159 4.33 26.42 -4.02
C GLU C 159 3.57 25.18 -4.51
N TYR C 160 3.13 25.15 -5.76
CA TYR C 160 2.21 24.14 -6.26
C TYR C 160 2.93 23.11 -7.13
N ASP C 161 2.37 21.88 -7.16
CA ASP C 161 3.01 20.80 -7.91
C ASP C 161 2.92 20.99 -9.42
N HIS C 162 1.72 21.39 -9.90
CA HIS C 162 1.41 21.57 -11.32
C HIS C 162 0.77 22.94 -11.53
N LEU C 163 0.94 23.45 -12.75
CA LEU C 163 0.39 24.74 -13.20
C LEU C 163 -0.39 24.55 -14.49
N VAL C 164 -1.58 25.15 -14.56
CA VAL C 164 -2.37 25.18 -15.78
C VAL C 164 -2.55 26.65 -16.16
N ILE C 165 -2.17 26.98 -17.39
CA ILE C 165 -2.40 28.32 -17.94
C ILE C 165 -3.74 28.31 -18.67
N ASN C 166 -4.69 29.08 -18.17
CA ASN C 166 -6.05 29.04 -18.71
C ASN C 166 -6.15 30.01 -19.89
N ASP C 167 -5.56 29.59 -21.00
CA ASP C 167 -5.59 30.41 -22.22
C ASP C 167 -6.76 30.08 -23.14
N ASP C 168 -7.02 28.81 -23.33
CA ASP C 168 -8.09 28.30 -24.17
C ASP C 168 -8.80 27.31 -23.27
N PHE C 169 -10.10 27.51 -23.04
CA PHE C 169 -10.80 26.73 -22.01
C PHE C 169 -10.69 25.24 -22.31
N ALA C 170 -10.92 24.85 -23.56
CA ALA C 170 -10.87 23.42 -23.90
C ALA C 170 -9.49 22.83 -23.62
N HIS C 171 -8.42 23.59 -23.90
CA HIS C 171 -7.07 23.09 -23.62
C HIS C 171 -6.80 23.01 -22.12
N ALA C 172 -7.25 23.99 -21.35
CA ALA C 172 -6.99 23.97 -19.91
C ALA C 172 -7.75 22.85 -19.22
N LEU C 173 -8.99 22.59 -19.65
CA LEU C 173 -9.75 21.48 -19.08
C LEU C 173 -9.05 20.16 -19.31
N ASP C 174 -8.57 19.94 -20.54
CA ASP C 174 -7.83 18.71 -20.82
C ASP C 174 -6.53 18.65 -20.03
N ASP C 175 -5.88 19.79 -19.79
CA ASP C 175 -4.69 19.80 -18.95
C ASP C 175 -5.03 19.34 -17.53
N LEU C 176 -6.09 19.90 -16.93
CA LEU C 176 -6.53 19.43 -15.61
C LEU C 176 -6.82 17.94 -15.62
N LYS C 177 -7.54 17.46 -16.63
CA LYS C 177 -7.85 16.04 -16.69
C LYS C 177 -6.57 15.20 -16.74
N ALA C 178 -5.55 15.66 -17.48
CA ALA C 178 -4.30 14.89 -17.54
C ALA C 178 -3.62 14.82 -16.18
N ILE C 179 -3.60 15.92 -15.43
CA ILE C 179 -2.99 15.91 -14.10
C ILE C 179 -3.70 14.92 -13.18
N PHE C 180 -5.04 14.96 -13.17
CA PHE C 180 -5.80 14.06 -12.32
C PHE C 180 -5.58 12.61 -12.74
N ARG C 181 -5.60 12.33 -14.04
CA ARG C 181 -5.44 10.95 -14.49
C ARG C 181 -4.03 10.42 -14.18
N ALA C 182 -3.00 11.22 -14.42
CA ALA C 182 -1.64 10.79 -14.11
C ALA C 182 -1.46 10.55 -12.61
N ARG C 183 -2.08 11.40 -11.77
CA ARG C 183 -1.98 11.21 -10.32
C ARG C 183 -2.51 9.86 -9.89
N GLN C 184 -3.62 9.42 -10.49
CA GLN C 184 -4.19 8.11 -10.17
C GLN C 184 -3.38 6.95 -10.73
N LEU C 185 -2.44 7.21 -11.63
CA LEU C 185 -1.52 6.20 -12.13
C LEU C 185 -0.23 6.09 -11.31
N ARG C 186 -0.07 6.93 -10.29
CA ARG C 186 1.15 6.86 -9.50
C ARG C 186 1.21 5.57 -8.70
N GLN C 187 2.43 5.19 -8.35
CA GLN C 187 2.69 3.96 -7.62
C GLN C 187 1.75 3.81 -6.44
N ASP C 188 1.61 4.86 -5.61
CA ASP C 188 0.86 4.69 -4.37
C ASP C 188 -0.62 4.40 -4.63
N ALA C 189 -1.25 5.14 -5.53
CA ALA C 189 -2.66 4.93 -5.81
C ALA C 189 -2.92 3.60 -6.52
N GLN C 190 -2.05 3.23 -7.46
CA GLN C 190 -2.25 2.00 -8.22
C GLN C 190 -2.03 0.75 -7.36
N GLN C 191 -1.06 0.81 -6.45
CA GLN C 191 -0.84 -0.32 -5.54
C GLN C 191 -2.10 -0.66 -4.77
N GLN C 192 -2.77 0.35 -4.21
CA GLN C 192 -4.02 0.10 -3.51
C GLN C 192 -5.14 -0.28 -4.47
N ARG C 193 -5.25 0.44 -5.60
CA ARG C 193 -6.35 0.21 -6.53
C ARG C 193 -6.31 -1.21 -7.12
N HIS C 194 -5.13 -1.70 -7.47
CA HIS C 194 -5.00 -2.98 -8.15
C HIS C 194 -4.35 -4.03 -7.25
N ALA C 195 -4.58 -3.92 -5.94
CA ALA C 195 -3.95 -4.82 -4.98
C ALA C 195 -4.21 -6.28 -5.33
N GLU C 196 -5.46 -6.61 -5.66
CA GLU C 196 -5.80 -8.00 -5.97
C GLU C 196 -5.13 -8.46 -7.26
N LEU C 197 -5.13 -7.62 -8.30
CA LEU C 197 -4.43 -7.97 -9.53
C LEU C 197 -2.96 -8.23 -9.26
N LEU C 198 -2.30 -7.32 -8.54
CA LEU C 198 -0.87 -7.46 -8.29
C LEU C 198 -0.56 -8.79 -7.58
N GLY C 199 -1.41 -9.20 -6.64
CA GLY C 199 -1.21 -10.47 -5.99
C GLY C 199 -1.25 -11.64 -6.95
N ARG C 200 -2.16 -11.59 -7.94
CA ARG C 200 -2.21 -12.66 -8.93
C ARG C 200 -0.98 -12.63 -9.83
N LEU C 201 -0.51 -11.43 -10.20
CA LEU C 201 0.68 -11.32 -11.03
C LEU C 201 1.92 -11.85 -10.30
N LEU C 202 1.94 -11.77 -8.97
CA LEU C 202 3.11 -12.14 -8.18
C LEU C 202 3.10 -13.58 -7.67
N ALA C 203 1.94 -14.22 -7.58
CA ALA C 203 1.88 -15.52 -6.89
C ALA C 203 2.47 -16.65 -7.74
N SER D 2 -6.37 4.27 6.70
CA SER D 2 -7.42 4.16 7.70
C SER D 2 -7.21 2.92 8.58
N GLY D 3 -7.89 2.88 9.72
CA GLY D 3 -7.66 1.84 10.70
C GLY D 3 -8.26 0.48 10.35
N THR D 4 -7.93 -0.47 11.21
CA THR D 4 -8.36 -1.86 11.13
C THR D 4 -9.53 -2.08 12.09
N LEU D 5 -10.54 -2.83 11.64
CA LEU D 5 -11.67 -3.16 12.49
C LEU D 5 -11.56 -4.59 12.98
N TYR D 6 -11.69 -4.77 14.30
CA TYR D 6 -11.66 -6.08 14.95
C TYR D 6 -13.02 -6.43 15.56
N ILE D 7 -13.51 -7.61 15.28
CA ILE D 7 -14.71 -8.14 15.94
C ILE D 7 -14.26 -9.10 17.03
N VAL D 8 -14.71 -8.88 18.27
CA VAL D 8 -14.40 -9.79 19.37
C VAL D 8 -15.72 -10.30 19.95
N SER D 9 -15.90 -11.62 19.96
CA SER D 9 -17.12 -12.19 20.50
C SER D 9 -16.78 -13.16 21.62
N ALA D 10 -17.72 -13.33 22.54
CA ALA D 10 -17.59 -14.29 23.63
C ALA D 10 -19.00 -14.72 24.00
N PRO D 11 -19.16 -15.86 24.66
CA PRO D 11 -20.51 -16.28 25.05
C PRO D 11 -21.16 -15.22 25.93
N SER D 12 -22.42 -14.96 25.63
CA SER D 12 -23.19 -13.96 26.34
C SER D 12 -23.65 -14.50 27.70
N GLY D 13 -24.00 -13.58 28.58
CA GLY D 13 -24.53 -13.92 29.89
C GLY D 13 -23.69 -13.48 31.08
N ALA D 14 -22.41 -13.18 30.89
CA ALA D 14 -21.59 -12.62 31.96
C ALA D 14 -21.29 -11.14 31.76
N GLY D 15 -21.82 -10.52 30.70
CA GLY D 15 -21.45 -9.18 30.31
C GLY D 15 -20.24 -9.15 29.40
N LYS D 16 -19.95 -7.96 28.86
CA LYS D 16 -18.75 -7.75 28.06
C LYS D 16 -17.48 -8.04 28.87
N THR D 17 -16.41 -8.40 28.17
CA THR D 17 -15.25 -9.00 28.86
C THR D 17 -14.33 -7.94 29.48
N SER D 18 -13.72 -8.31 30.61
CA SER D 18 -12.60 -7.54 31.14
C SER D 18 -11.37 -7.60 30.21
N LEU D 19 -11.25 -8.67 29.43
CA LEU D 19 -10.09 -8.84 28.54
C LEU D 19 -9.95 -7.67 27.57
N VAL D 20 -11.06 -7.26 26.93
CA VAL D 20 -10.98 -6.18 25.96
C VAL D 20 -10.55 -4.87 26.60
N LYS D 21 -11.11 -4.54 27.78
CA LYS D 21 -10.66 -3.35 28.50
C LYS D 21 -9.15 -3.39 28.79
N ALA D 22 -8.64 -4.54 29.24
CA ALA D 22 -7.21 -4.63 29.50
C ALA D 22 -6.41 -4.49 28.20
N LEU D 23 -6.93 -5.04 27.10
CA LEU D 23 -6.24 -4.89 25.83
C LEU D 23 -6.15 -3.42 25.41
N LEU D 24 -7.25 -2.67 25.58
CA LEU D 24 -7.25 -1.25 25.27
C LEU D 24 -6.22 -0.48 26.10
N ASP D 25 -6.01 -0.89 27.36
CA ASP D 25 -5.03 -0.20 28.20
C ASP D 25 -3.61 -0.30 27.64
N ALA D 26 -3.30 -1.42 26.99
CA ALA D 26 -1.97 -1.68 26.45
C ALA D 26 -1.82 -1.31 24.98
N ALA D 27 -2.88 -0.83 24.32
CA ALA D 27 -2.86 -0.58 22.88
C ALA D 27 -3.46 0.79 22.58
N PRO D 28 -2.64 1.85 22.58
CA PRO D 28 -3.20 3.21 22.47
C PRO D 28 -3.76 3.55 21.10
N GLU D 29 -3.44 2.80 20.05
CA GLU D 29 -4.04 3.03 18.75
C GLU D 29 -5.43 2.41 18.61
N VAL D 30 -5.86 1.59 19.56
CA VAL D 30 -7.15 0.89 19.50
C VAL D 30 -8.20 1.60 20.35
N ARG D 31 -9.40 1.77 19.79
CA ARG D 31 -10.57 2.28 20.49
C ARG D 31 -11.61 1.16 20.55
N VAL D 32 -12.62 1.33 21.41
CA VAL D 32 -13.70 0.35 21.48
C VAL D 32 -15.00 1.09 21.23
N SER D 33 -15.89 0.44 20.48
CA SER D 33 -17.22 0.99 20.24
C SER D 33 -18.09 0.83 21.48
N VAL D 34 -18.78 1.90 21.85
CA VAL D 34 -19.80 1.85 22.90
C VAL D 34 -21.12 1.52 22.20
N SER D 35 -21.67 0.34 22.47
CA SER D 35 -22.91 -0.10 21.86
C SER D 35 -24.11 0.59 22.47
N HIS D 36 -25.21 0.61 21.70
CA HIS D 36 -26.53 0.93 22.22
C HIS D 36 -27.22 -0.35 22.68
N THR D 37 -27.99 -0.24 23.75
CA THR D 37 -28.82 -1.34 24.18
C THR D 37 -30.14 -0.79 24.71
N THR D 38 -31.18 -1.62 24.64
CA THR D 38 -32.47 -1.30 25.20
C THR D 38 -32.68 -1.96 26.56
N ARG D 39 -31.76 -2.80 27.01
CA ARG D 39 -31.94 -3.32 28.37
C ARG D 39 -31.68 -2.22 29.39
N GLY D 40 -32.31 -2.37 30.56
CA GLY D 40 -32.09 -1.42 31.62
C GLY D 40 -30.71 -1.53 32.21
N MET D 41 -30.24 -0.43 32.79
CA MET D 41 -28.93 -0.39 33.42
C MET D 41 -28.89 -1.28 34.65
N ARG D 42 -27.71 -1.85 34.90
CA ARG D 42 -27.43 -2.64 36.08
C ARG D 42 -26.55 -1.84 37.05
N PRO D 43 -26.50 -2.23 38.33
CA PRO D 43 -25.66 -1.49 39.29
C PRO D 43 -24.20 -1.50 38.85
N GLY D 44 -23.57 -0.35 38.99
CA GLY D 44 -22.19 -0.14 38.63
C GLY D 44 -21.95 0.19 37.16
N GLU D 45 -23.00 0.29 36.36
CA GLU D 45 -22.87 0.61 34.95
C GLU D 45 -23.07 2.10 34.77
N VAL D 46 -22.41 2.65 33.76
CA VAL D 46 -22.43 4.09 33.51
C VAL D 46 -22.83 4.35 32.06
N ASP D 47 -23.88 5.16 31.89
CA ASP D 47 -24.36 5.52 30.56
C ASP D 47 -23.24 6.26 29.82
N GLY D 48 -22.99 5.83 28.58
CA GLY D 48 -21.89 6.35 27.82
C GLY D 48 -20.61 5.56 27.97
N VAL D 49 -20.53 4.64 28.94
CA VAL D 49 -19.34 3.83 29.10
C VAL D 49 -19.65 2.37 28.76
N ASN D 50 -20.50 1.73 29.57
CA ASN D 50 -20.84 0.33 29.28
C ASN D 50 -21.67 0.22 28.01
N TYR D 51 -22.66 1.11 27.88
CA TYR D 51 -23.57 1.20 26.75
C TYR D 51 -24.12 2.62 26.67
N HIS D 52 -24.67 2.96 25.51
CA HIS D 52 -25.65 4.03 25.39
C HIS D 52 -27.00 3.36 25.64
N PHE D 53 -27.55 3.57 26.83
CA PHE D 53 -28.82 2.97 27.20
C PHE D 53 -29.97 3.78 26.61
N THR D 54 -30.86 3.11 25.88
CA THR D 54 -31.95 3.81 25.21
C THR D 54 -33.21 2.96 25.31
N SER D 55 -34.32 3.49 24.80
CA SER D 55 -35.59 2.79 24.78
C SER D 55 -35.72 1.97 23.50
N ARG D 56 -36.63 0.99 23.53
CA ARG D 56 -36.88 0.23 22.31
C ARG D 56 -37.41 1.15 21.21
N GLU D 57 -38.27 2.10 21.58
CA GLU D 57 -38.83 3.00 20.58
C GLU D 57 -37.72 3.82 19.92
N GLU D 58 -36.81 4.37 20.71
CA GLU D 58 -35.73 5.16 20.13
C GLU D 58 -34.75 4.27 19.36
N PHE D 59 -34.52 3.04 19.82
CA PHE D 59 -33.67 2.11 19.07
C PHE D 59 -34.25 1.86 17.68
N LEU D 60 -35.57 1.61 17.60
CA LEU D 60 -36.19 1.34 16.32
C LEU D 60 -36.17 2.57 15.42
N ALA D 61 -36.33 3.76 15.99
CA ALA D 61 -36.21 4.98 15.20
C ALA D 61 -34.81 5.13 14.62
N MET D 62 -33.78 4.81 15.41
CA MET D 62 -32.41 4.83 14.90
C MET D 62 -32.21 3.86 13.75
N LEU D 63 -32.79 2.66 13.87
CA LEU D 63 -32.77 1.72 12.76
C LEU D 63 -33.38 2.34 11.51
N GLU D 64 -34.54 2.99 11.65
CA GLU D 64 -35.16 3.60 10.48
C GLU D 64 -34.28 4.69 9.88
N ARG D 65 -33.52 5.39 10.71
CA ARG D 65 -32.62 6.41 10.19
C ARG D 65 -31.30 5.82 9.71
N ASN D 66 -31.21 4.49 9.64
CA ASN D 66 -30.03 3.78 9.14
C ASN D 66 -28.80 4.10 9.96
N GLU D 67 -28.97 4.30 11.27
CA GLU D 67 -27.85 4.73 12.09
C GLU D 67 -27.04 3.57 12.64
N PHE D 68 -27.47 2.32 12.47
CA PHE D 68 -26.74 1.17 12.99
C PHE D 68 -25.97 0.48 11.88
N LEU D 69 -24.67 0.25 12.14
CA LEU D 69 -23.86 -0.61 11.29
C LEU D 69 -24.34 -2.05 11.37
N GLU D 70 -24.74 -2.48 12.56
CA GLU D 70 -25.29 -3.80 12.81
C GLU D 70 -26.18 -3.70 14.03
N HIS D 71 -27.13 -4.63 14.14
CA HIS D 71 -27.96 -4.73 15.33
C HIS D 71 -28.39 -6.17 15.51
N ALA D 72 -28.74 -6.53 16.74
CA ALA D 72 -29.17 -7.89 17.00
C ALA D 72 -29.99 -7.91 18.28
N GLU D 73 -30.84 -8.93 18.38
CA GLU D 73 -31.59 -9.26 19.59
C GLU D 73 -30.83 -10.34 20.36
N VAL D 74 -30.57 -10.07 21.64
CA VAL D 74 -29.88 -11.00 22.52
C VAL D 74 -30.66 -11.04 23.83
N PHE D 75 -31.17 -12.23 24.20
CA PHE D 75 -32.03 -12.40 25.38
C PHE D 75 -33.23 -11.47 25.32
N GLY D 76 -33.75 -11.22 24.11
CA GLY D 76 -34.93 -10.41 23.93
C GLY D 76 -34.69 -8.91 23.89
N ASN D 77 -33.50 -8.44 24.28
CA ASN D 77 -33.18 -7.02 24.20
C ASN D 77 -32.38 -6.73 22.94
N LEU D 78 -32.45 -5.47 22.49
CA LEU D 78 -31.78 -5.03 21.27
C LEU D 78 -30.44 -4.40 21.60
N TYR D 79 -29.45 -4.71 20.78
CA TYR D 79 -28.09 -4.18 20.84
C TYR D 79 -27.65 -3.78 19.45
N GLY D 80 -26.85 -2.72 19.35
CA GLY D 80 -26.33 -2.37 18.05
C GLY D 80 -25.13 -1.47 18.12
N THR D 81 -24.40 -1.45 17.01
CA THR D 81 -23.21 -0.62 16.84
C THR D 81 -23.56 0.56 15.93
N SER D 82 -23.47 1.78 16.47
CA SER D 82 -23.81 2.93 15.65
C SER D 82 -22.70 3.20 14.63
N GLN D 83 -23.11 3.57 13.40
CA GLN D 83 -22.18 3.61 12.27
C GLN D 83 -21.31 4.85 12.28
N ARG D 84 -21.88 6.00 12.68
CA ARG D 84 -21.13 7.26 12.56
C ARG D 84 -19.82 7.20 13.35
N TRP D 85 -19.88 6.71 14.59
CA TRP D 85 -18.65 6.65 15.40
C TRP D 85 -17.63 5.70 14.79
N VAL D 86 -18.08 4.56 14.26
CA VAL D 86 -17.15 3.62 13.63
C VAL D 86 -16.48 4.26 12.42
N GLU D 87 -17.29 4.89 11.57
CA GLU D 87 -16.78 5.52 10.34
C GLU D 87 -15.82 6.65 10.68
N LYS D 88 -16.16 7.49 11.66
CA LYS D 88 -15.28 8.60 12.05
C LYS D 88 -13.95 8.08 12.56
N THR D 89 -14.00 7.07 13.42
CA THR D 89 -12.80 6.55 14.08
C THR D 89 -11.85 5.88 13.09
N LEU D 90 -12.38 5.03 12.21
CA LEU D 90 -11.52 4.44 11.18
C LEU D 90 -10.96 5.51 10.26
N ALA D 91 -11.80 6.48 9.87
CA ALA D 91 -11.35 7.52 8.96
C ALA D 91 -10.28 8.40 9.60
N GLU D 92 -10.23 8.42 10.94
CA GLU D 92 -9.14 9.10 11.64
C GLU D 92 -7.86 8.30 11.64
N GLY D 93 -7.89 7.07 11.12
CA GLY D 93 -6.73 6.20 11.14
C GLY D 93 -6.56 5.39 12.40
N LEU D 94 -7.56 5.34 13.27
CA LEU D 94 -7.48 4.56 14.48
C LEU D 94 -8.07 3.17 14.27
N ASP D 95 -7.49 2.18 14.94
CA ASP D 95 -8.07 0.85 15.00
C ASP D 95 -9.20 0.79 16.02
N LEU D 96 -10.14 -0.12 15.81
CA LEU D 96 -11.23 -0.21 16.76
C LEU D 96 -11.76 -1.63 16.89
N ILE D 97 -12.35 -1.90 18.04
CA ILE D 97 -12.90 -3.20 18.41
C ILE D 97 -14.42 -3.06 18.52
N LEU D 98 -15.13 -4.01 17.91
CA LEU D 98 -16.56 -4.21 18.15
C LEU D 98 -16.72 -5.46 19.01
N GLU D 99 -17.19 -5.30 20.23
CA GLU D 99 -17.46 -6.43 21.12
C GLU D 99 -18.94 -6.77 20.98
N ILE D 100 -19.24 -7.73 20.10
CA ILE D 100 -20.61 -7.99 19.62
C ILE D 100 -20.79 -9.49 19.47
N ASP D 101 -22.06 -9.90 19.34
CA ASP D 101 -22.29 -11.35 19.24
C ASP D 101 -22.08 -11.84 17.80
N TRP D 102 -22.35 -13.14 17.59
CA TRP D 102 -22.11 -13.73 16.27
C TRP D 102 -23.07 -13.17 15.22
N GLN D 103 -24.29 -12.77 15.62
CA GLN D 103 -25.22 -12.19 14.67
C GLN D 103 -24.68 -10.86 14.15
N GLY D 104 -24.19 -10.03 15.06
CA GLY D 104 -23.59 -8.77 14.65
C GLY D 104 -22.33 -8.97 13.82
N ALA D 105 -21.53 -9.98 14.17
CA ALA D 105 -20.32 -10.27 13.41
C ALA D 105 -20.63 -10.61 11.96
N GLN D 106 -21.65 -11.44 11.72
CA GLN D 106 -22.01 -11.80 10.35
C GLN D 106 -22.39 -10.55 9.55
N GLN D 107 -23.17 -9.65 10.17
CA GLN D 107 -23.54 -8.43 9.45
C GLN D 107 -22.32 -7.59 9.14
N VAL D 108 -21.40 -7.46 10.10
CA VAL D 108 -20.25 -6.60 9.87
C VAL D 108 -19.32 -7.19 8.79
N ARG D 109 -19.14 -8.51 8.79
CA ARG D 109 -18.29 -9.14 7.78
C ARG D 109 -18.82 -8.89 6.37
N ARG D 110 -20.15 -8.89 6.20
CA ARG D 110 -20.73 -8.61 4.89
C ARG D 110 -20.39 -7.19 4.43
N LEU D 111 -20.41 -6.23 5.36
CA LEU D 111 -20.16 -4.83 5.00
C LEU D 111 -18.68 -4.51 4.94
N MET D 112 -17.85 -5.22 5.69
CA MET D 112 -16.42 -4.92 5.78
C MET D 112 -15.66 -6.22 5.70
N PRO D 113 -15.36 -6.70 4.48
CA PRO D 113 -14.70 -8.00 4.33
C PRO D 113 -13.31 -8.05 4.90
N GLU D 114 -12.67 -6.91 5.15
CA GLU D 114 -11.36 -6.85 5.78
C GLU D 114 -11.41 -6.95 7.30
N ALA D 115 -12.60 -6.99 7.90
CA ALA D 115 -12.69 -7.08 9.36
C ALA D 115 -12.15 -8.42 9.85
N GLN D 116 -11.27 -8.37 10.84
CA GLN D 116 -10.77 -9.56 11.50
CA GLN D 116 -10.76 -9.55 11.51
C GLN D 116 -11.67 -9.88 12.71
N SER D 117 -11.82 -11.17 12.99
CA SER D 117 -12.70 -11.58 14.07
C SER D 117 -12.04 -12.64 14.97
N ILE D 118 -12.36 -12.58 16.26
CA ILE D 118 -11.81 -13.44 17.29
C ILE D 118 -12.95 -13.92 18.18
N PHE D 119 -13.03 -15.21 18.45
CA PHE D 119 -14.00 -15.74 19.40
C PHE D 119 -13.24 -16.18 20.67
N ILE D 120 -13.65 -15.66 21.82
CA ILE D 120 -13.05 -16.00 23.10
C ILE D 120 -13.91 -17.07 23.74
N LEU D 121 -13.33 -18.26 23.93
CA LEU D 121 -14.07 -19.43 24.37
C LEU D 121 -13.68 -19.83 25.79
N PRO D 122 -14.61 -20.39 26.54
CA PRO D 122 -14.28 -20.95 27.85
C PRO D 122 -13.53 -22.26 27.68
N PRO D 123 -12.76 -22.69 28.68
CA PRO D 123 -12.05 -23.96 28.55
C PRO D 123 -12.93 -25.19 28.72
N SER D 124 -14.17 -25.03 29.16
CA SER D 124 -15.04 -26.16 29.42
C SER D 124 -16.43 -25.63 29.69
N GLN D 125 -17.43 -26.51 29.54
CA GLN D 125 -18.80 -26.12 29.87
C GLN D 125 -18.94 -25.84 31.36
N GLU D 126 -18.24 -26.61 32.21
CA GLU D 126 -18.30 -26.36 33.65
C GLU D 126 -17.80 -24.97 33.98
N ALA D 127 -16.67 -24.56 33.40
CA ALA D 127 -16.15 -23.22 33.65
C ALA D 127 -17.12 -22.15 33.15
N LEU D 128 -17.77 -22.40 32.01
CA LEU D 128 -18.76 -21.45 31.49
C LEU D 128 -19.94 -21.31 32.44
N ARG D 129 -20.45 -22.43 32.96
CA ARG D 129 -21.56 -22.38 33.90
C ARG D 129 -21.19 -21.56 35.14
N GLN D 130 -19.98 -21.76 35.66
CA GLN D 130 -19.53 -21.03 36.84
C GLN D 130 -19.61 -19.51 36.62
N ARG D 131 -19.09 -19.04 35.49
CA ARG D 131 -19.16 -17.61 35.17
C ARG D 131 -20.61 -17.15 35.00
N LEU D 132 -21.46 -17.98 34.40
CA LEU D 132 -22.86 -17.61 34.23
C LEU D 132 -23.60 -17.56 35.56
N THR D 133 -23.39 -18.56 36.43
CA THR D 133 -24.14 -18.59 37.68
C THR D 133 -23.75 -17.45 38.61
N ASN D 134 -22.48 -17.03 38.57
CA ASN D 134 -21.99 -15.98 39.45
C ASN D 134 -22.14 -14.61 38.79
N SER D 139 -30.93 -18.24 39.32
CA SER D 139 -31.88 -19.35 39.33
C SER D 139 -31.36 -20.52 38.51
N ASP D 140 -31.48 -21.73 39.07
CA ASP D 140 -30.98 -22.92 38.39
C ASP D 140 -31.59 -23.06 37.00
N GLU D 141 -32.91 -22.92 36.90
CA GLU D 141 -33.59 -23.00 35.59
C GLU D 141 -33.04 -21.97 34.60
N VAL D 142 -32.90 -20.72 35.05
CA VAL D 142 -32.40 -19.68 34.17
C VAL D 142 -31.00 -20.00 33.68
N ILE D 143 -30.15 -20.56 34.55
CA ILE D 143 -28.78 -20.85 34.17
C ILE D 143 -28.72 -21.88 33.05
N GLU D 144 -29.51 -22.96 33.16
CA GLU D 144 -29.43 -24.00 32.15
C GLU D 144 -29.95 -23.51 30.80
N ARG D 145 -30.97 -22.64 30.81
CA ARG D 145 -31.39 -22.00 29.57
C ARG D 145 -30.28 -21.11 29.03
N ARG D 146 -29.59 -20.38 29.92
CA ARG D 146 -28.47 -19.57 29.50
C ARG D 146 -27.34 -20.43 28.96
N MET D 147 -27.16 -21.64 29.51
CA MET D 147 -26.12 -22.53 29.03
C MET D 147 -26.43 -23.01 27.62
N ARG D 148 -27.69 -23.39 27.35
CA ARG D 148 -28.08 -23.80 26.01
C ARG D 148 -27.92 -22.66 25.02
N GLU D 149 -28.29 -21.44 25.44
CA GLU D 149 -28.13 -20.28 24.58
C GLU D 149 -26.66 -20.01 24.29
N ALA D 150 -25.82 -20.12 25.32
CA ALA D 150 -24.39 -19.92 25.12
C ALA D 150 -23.81 -20.99 24.20
N VAL D 151 -24.26 -22.23 24.37
CA VAL D 151 -23.78 -23.29 23.49
C VAL D 151 -24.20 -23.00 22.05
N SER D 152 -25.41 -22.48 21.85
CA SER D 152 -25.87 -22.12 20.52
C SER D 152 -24.97 -21.04 19.92
N GLU D 153 -24.49 -20.11 20.75
CA GLU D 153 -23.63 -19.06 20.25
C GLU D 153 -22.25 -19.60 19.91
N MET D 154 -21.72 -20.46 20.76
CA MET D 154 -20.38 -21.00 20.55
C MET D 154 -20.31 -21.81 19.26
N SER D 155 -21.44 -22.38 18.82
CA SER D 155 -21.43 -23.17 17.61
C SER D 155 -20.99 -22.37 16.40
N HIS D 156 -21.09 -21.04 16.46
CA HIS D 156 -20.62 -20.14 15.39
C HIS D 156 -19.11 -19.89 15.43
N TYR D 157 -18.36 -20.48 16.38
CA TYR D 157 -16.92 -20.22 16.41
C TYR D 157 -16.25 -20.51 15.07
N VAL D 158 -16.81 -21.41 14.26
CA VAL D 158 -16.20 -21.76 12.99
C VAL D 158 -16.17 -20.61 11.99
N GLU D 159 -16.92 -19.54 12.25
CA GLU D 159 -16.99 -18.36 11.38
C GLU D 159 -15.88 -17.35 11.65
N TYR D 160 -15.03 -17.58 12.66
CA TYR D 160 -14.08 -16.59 13.15
C TYR D 160 -12.65 -16.90 12.71
N ASP D 161 -11.84 -15.84 12.55
CA ASP D 161 -10.46 -16.00 12.07
C ASP D 161 -9.56 -16.64 13.11
N HIS D 162 -9.67 -16.21 14.37
CA HIS D 162 -8.85 -16.72 15.47
C HIS D 162 -9.75 -17.14 16.63
N LEU D 163 -9.26 -18.08 17.42
CA LEU D 163 -9.94 -18.58 18.61
C LEU D 163 -9.00 -18.46 19.81
N VAL D 164 -9.49 -17.89 20.90
CA VAL D 164 -8.73 -17.79 22.15
C VAL D 164 -9.48 -18.61 23.23
N ILE D 165 -8.78 -19.57 23.82
CA ILE D 165 -9.35 -20.36 24.91
C ILE D 165 -8.90 -19.73 26.22
N ASN D 166 -9.86 -19.13 26.92
CA ASN D 166 -9.61 -18.33 28.11
C ASN D 166 -9.63 -19.21 29.36
N ASP D 167 -8.54 -19.92 29.60
CA ASP D 167 -8.37 -20.69 30.83
C ASP D 167 -7.60 -19.93 31.90
N ASP D 168 -7.18 -18.70 31.61
CA ASP D 168 -6.41 -17.84 32.48
C ASP D 168 -6.36 -16.47 31.85
N PHE D 169 -6.67 -15.42 32.62
CA PHE D 169 -6.85 -14.10 32.04
C PHE D 169 -5.58 -13.61 31.34
N ALA D 170 -4.43 -13.74 32.00
CA ALA D 170 -3.17 -13.24 31.46
C ALA D 170 -2.79 -13.97 30.17
N HIS D 171 -2.99 -15.29 30.12
CA HIS D 171 -2.72 -16.02 28.89
C HIS D 171 -3.62 -15.54 27.76
N ALA D 172 -4.91 -15.36 28.04
CA ALA D 172 -5.83 -14.92 27.01
C ALA D 172 -5.49 -13.51 26.56
N LEU D 173 -5.11 -12.64 27.50
CA LEU D 173 -4.71 -11.29 27.12
C LEU D 173 -3.48 -11.31 26.22
N ASP D 174 -2.49 -12.12 26.57
CA ASP D 174 -1.29 -12.21 25.75
C ASP D 174 -1.60 -12.80 24.38
N ASP D 175 -2.54 -13.76 24.32
CA ASP D 175 -2.98 -14.30 23.03
C ASP D 175 -3.57 -13.19 22.16
N LEU D 176 -4.48 -12.41 22.75
CA LEU D 176 -5.09 -11.28 22.04
C LEU D 176 -4.03 -10.30 21.54
N LYS D 177 -3.09 -9.93 22.41
CA LYS D 177 -2.06 -8.99 22.01
C LYS D 177 -1.27 -9.52 20.82
N ALA D 178 -0.99 -10.82 20.81
CA ALA D 178 -0.23 -11.38 19.68
C ALA D 178 -1.02 -11.28 18.39
N ILE D 179 -2.33 -11.55 18.46
CA ILE D 179 -3.16 -11.49 17.25
C ILE D 179 -3.15 -10.07 16.68
N PHE D 180 -3.36 -9.08 17.56
CA PHE D 180 -3.39 -7.69 17.11
C PHE D 180 -2.04 -7.25 16.58
N ARG D 181 -0.95 -7.63 17.25
CA ARG D 181 0.37 -7.22 16.80
C ARG D 181 0.72 -7.86 15.44
N ALA D 182 0.41 -9.15 15.29
CA ALA D 182 0.68 -9.84 14.04
C ALA D 182 -0.12 -9.24 12.89
N ARG D 183 -1.36 -8.83 13.15
CA ARG D 183 -2.17 -8.20 12.11
C ARG D 183 -1.49 -6.96 11.58
N GLN D 184 -0.89 -6.15 12.47
CA GLN D 184 -0.19 -4.95 12.03
C GLN D 184 1.17 -5.22 11.40
N LEU D 185 1.70 -6.44 11.46
CA LEU D 185 2.93 -6.77 10.76
C LEU D 185 2.68 -7.33 9.35
N ARG D 186 1.42 -7.46 8.95
CA ARG D 186 1.13 -7.98 7.64
C ARG D 186 1.59 -7.01 6.55
N GLN D 187 1.84 -7.58 5.37
CA GLN D 187 2.30 -6.82 4.21
C GLN D 187 1.52 -5.52 3.99
N ASP D 188 0.18 -5.60 3.98
CA ASP D 188 -0.59 -4.41 3.61
C ASP D 188 -0.42 -3.29 4.62
N ALA D 189 -0.49 -3.60 5.91
CA ALA D 189 -0.34 -2.55 6.91
C ALA D 189 1.06 -1.98 6.92
N GLN D 190 2.08 -2.85 6.76
CA GLN D 190 3.47 -2.41 6.82
C GLN D 190 3.87 -1.59 5.59
N GLN D 191 3.35 -1.96 4.41
CA GLN D 191 3.60 -1.15 3.22
C GLN D 191 3.12 0.28 3.43
N GLN D 192 1.93 0.46 4.00
CA GLN D 192 1.43 1.80 4.27
C GLN D 192 2.21 2.45 5.39
N ARG D 193 2.47 1.72 6.48
CA ARG D 193 3.11 2.32 7.65
C ARG D 193 4.53 2.78 7.33
N HIS D 194 5.29 1.95 6.61
CA HIS D 194 6.71 2.19 6.36
C HIS D 194 7.00 2.56 4.91
N ALA D 195 6.05 3.24 4.27
CA ALA D 195 6.19 3.58 2.85
C ALA D 195 7.49 4.34 2.58
N GLU D 196 7.81 5.33 3.41
CA GLU D 196 9.00 6.15 3.17
C GLU D 196 10.28 5.33 3.35
N LEU D 197 10.33 4.50 4.40
CA LEU D 197 11.48 3.60 4.60
C LEU D 197 11.68 2.69 3.39
N LEU D 198 10.61 2.06 2.91
CA LEU D 198 10.73 1.14 1.79
C LEU D 198 11.27 1.85 0.55
N GLY D 199 10.81 3.08 0.30
CA GLY D 199 11.36 3.82 -0.82
C GLY D 199 12.85 4.05 -0.68
N ARG D 200 13.31 4.30 0.55
CA ARG D 200 14.74 4.49 0.75
C ARG D 200 15.50 3.19 0.56
N LEU D 201 14.94 2.07 1.04
CA LEU D 201 15.59 0.77 0.86
C LEU D 201 15.67 0.38 -0.60
N LEU D 202 14.73 0.86 -1.42
CA LEU D 202 14.63 0.49 -2.83
C LEU D 202 15.44 1.39 -3.73
N ALA D 203 15.82 2.56 -3.25
CA ALA D 203 16.40 3.61 -4.08
C ALA D 203 17.85 3.29 -4.44
N GLY D 204 18.29 3.85 -5.56
CA GLY D 204 19.65 3.64 -6.04
C GLY D 204 20.71 4.21 -5.13
P 5GP E . 13.12 -8.96 -27.31
O1P 5GP E . 14.38 -9.80 -27.41
O2P 5GP E . 11.90 -9.77 -27.33
O3P 5GP E . 13.14 -7.88 -28.41
O5' 5GP E . 13.30 -8.13 -25.94
C5' 5GP E . 13.48 -8.85 -24.71
C4' 5GP E . 13.51 -7.88 -23.57
O4' 5GP E . 14.80 -7.25 -23.49
C3' 5GP E . 12.55 -6.71 -23.66
O3' 5GP E . 11.26 -7.12 -23.25
C2' 5GP E . 13.16 -5.72 -22.68
O2' 5GP E . 12.77 -6.16 -21.39
C1' 5GP E . 14.66 -6.05 -22.76
N9 5GP E . 15.49 -5.01 -23.41
C8 5GP E . 15.45 -4.60 -24.71
N7 5GP E . 16.31 -3.66 -24.99
C5 5GP E . 16.97 -3.44 -23.79
C6 5GP E . 18.02 -2.55 -23.46
O6 5GP E . 18.56 -1.74 -24.21
N1 5GP E . 18.39 -2.64 -22.13
C2 5GP E . 17.82 -3.48 -21.21
N2 5GP E . 18.34 -3.47 -19.97
N3 5GP E . 16.83 -4.31 -21.50
C4 5GP E . 16.47 -4.25 -22.80
P 5GP F . 25.91 -16.91 3.49
O1P 5GP F . 26.70 -17.56 2.37
O2P 5GP F . 26.45 -15.59 3.93
O3P 5GP F . 25.86 -17.94 4.63
O5' 5GP F . 24.40 -16.82 2.93
C5' 5GP F . 24.16 -16.12 1.70
C4' 5GP F . 22.68 -16.11 1.45
O4' 5GP F . 22.28 -17.41 0.96
C3' 5GP F . 21.79 -15.90 2.66
O3' 5GP F . 21.64 -14.52 2.93
C2' 5GP F . 20.45 -16.48 2.20
O2' 5GP F . 19.72 -15.50 1.49
C1' 5GP F . 20.89 -17.57 1.20
N9 5GP F . 20.65 -18.95 1.63
C8 5GP F . 21.20 -19.66 2.67
N7 5GP F . 20.76 -20.90 2.74
C5 5GP F . 19.87 -21.00 1.69
C6 5GP F . 19.08 -22.10 1.24
O6 5GP F . 19.00 -23.21 1.74
N1 5GP F . 18.34 -21.78 0.12
C2 5GP F . 18.34 -20.55 -0.49
N2 5GP F . 17.54 -20.42 -1.56
N3 5GP F . 19.05 -19.53 -0.08
C4 5GP F . 19.80 -19.82 1.00
P 5GP G . -15.82 33.73 -3.28
O1P 5GP G . -15.70 34.45 -4.57
O2P 5GP G . -16.09 34.69 -2.12
O3P 5GP G . -16.90 32.63 -3.27
O5' 5GP G . -14.42 32.99 -2.96
C5' 5GP G . -13.24 33.79 -2.73
C4' 5GP G . -12.03 32.90 -2.65
O4' 5GP G . -11.95 32.25 -1.37
C3' 5GP G . -12.00 31.73 -3.64
O3' 5GP G . -11.60 32.17 -4.92
C2' 5GP G . -10.98 30.79 -3.00
O2' 5GP G . -9.66 31.13 -3.39
C1' 5GP G . -11.14 31.10 -1.49
N9 5GP G . -11.76 30.02 -0.72
C8 5GP G . -13.03 29.53 -0.87
N7 5GP G . -13.32 28.59 0.01
C5 5GP G . -12.17 28.46 0.76
C6 5GP G . -11.86 27.60 1.87
O6 5GP G . -12.59 26.74 2.36
N1 5GP G . -10.59 27.80 2.35
C2 5GP G . -9.68 28.71 1.84
N2 5GP G . -8.47 28.73 2.39
N3 5GP G . -9.95 29.50 0.81
C4 5GP G . -11.21 29.33 0.32
P 5GP H . -24.98 -7.75 28.36
O1P 5GP H . -24.59 -8.86 29.25
O2P 5GP H . -26.50 -7.47 28.37
O3P 5GP H . -24.20 -6.46 28.57
O5' 5GP H . -24.62 -8.20 26.84
C5' 5GP H . -25.29 -9.32 26.24
C4' 5GP H . -24.58 -9.66 24.94
O4' 5GP H . -24.98 -8.76 23.89
C3' 5GP H . -23.07 -9.49 24.98
O3' 5GP H . -22.49 -10.61 25.63
C2' 5GP H . -22.71 -9.40 23.49
O2' 5GP H . -22.58 -10.70 22.92
C1' 5GP H . -23.98 -8.77 22.89
N9 5GP H . -23.80 -7.39 22.42
C8 5GP H . -23.47 -6.28 23.14
N7 5GP H . -23.39 -5.20 22.43
C5 5GP H . -23.70 -5.62 21.13
C6 5GP H . -23.78 -4.89 19.92
O6 5GP H . -23.56 -3.70 19.76
N1 5GP H . -24.11 -5.71 18.85
C2 5GP H . -24.35 -7.04 18.93
N2 5GP H . -24.63 -7.69 17.78
N3 5GP H . -24.28 -7.74 20.07
C4 5GP H . -23.96 -6.96 21.12
MG MG I . -33.01 -14.84 20.72
#